data_4B0I
#
_entry.id   4B0I
#
_cell.length_a   110.791
_cell.length_b   169.686
_cell.length_c   108.300
_cell.angle_alpha   90.00
_cell.angle_beta   90.00
_cell.angle_gamma   90.00
#
_symmetry.space_group_name_H-M   'C 2 2 21'
#
loop_
_entity.id
_entity.type
_entity.pdbx_description
1 polymer '3-HYDROXYDECANOYL-[ACYL-CARRIER-PROTEIN] DEHYDRATASE'
2 non-polymer 'S-[2-(acetylamino)ethyl] (3R)-3-hydroxydecanethioate'
3 water water
#
_entity_poly.entity_id   1
_entity_poly.type   'polypeptide(L)'
_entity_poly.pdbx_seq_one_letter_code
;MTKQHAFTREDLLRCSRGELFGPGNAQLPAPNMLMIDRIVHISDVGGKYGKGELVAELDINPDLWFFACNFEGDPVMPGC
LGLDAMWQLVGFYLGWQGNPGRGRALGSGEVKFFGQVLPTAKKVTYNIHIKRTINRSLVLAIADGTVSVDGREIYSAEGL
RVGLFTSTDSF
;
_entity_poly.pdbx_strand_id   A,B,C,D,E
#
loop_
_chem_comp.id
_chem_comp.type
_chem_comp.name
_chem_comp.formula
KBP non-polymer 'S-[2-(acetylamino)ethyl] (3R)-3-hydroxydecanethioate' 'C14 H27 N O3 S'
#
# COMPACT_ATOMS: atom_id res chain seq x y z
N THR A 2 19.05 7.08 16.97
CA THR A 2 19.24 6.71 15.54
C THR A 2 20.53 5.92 15.31
N LYS A 3 21.25 5.64 16.40
CA LYS A 3 22.49 4.87 16.36
C LYS A 3 22.16 3.37 16.29
N GLN A 4 21.19 2.94 17.10
CA GLN A 4 20.83 1.53 17.19
C GLN A 4 19.90 1.09 16.05
N HIS A 5 20.23 -0.04 15.44
CA HIS A 5 19.65 -0.50 14.19
C HIS A 5 18.88 -1.82 14.33
N ALA A 6 18.84 -2.38 15.53
CA ALA A 6 17.94 -3.48 15.84
C ALA A 6 17.40 -3.32 17.27
N PHE A 7 16.25 -3.91 17.56
CA PHE A 7 15.59 -3.73 18.85
C PHE A 7 14.93 -5.05 19.31
N THR A 8 15.20 -5.45 20.54
CA THR A 8 14.61 -6.65 21.12
C THR A 8 13.21 -6.35 21.64
N ARG A 9 12.47 -7.39 21.99
CA ARG A 9 11.14 -7.21 22.56
C ARG A 9 11.23 -6.31 23.79
N GLU A 10 12.29 -6.46 24.57
CA GLU A 10 12.44 -5.69 25.79
C GLU A 10 12.61 -4.22 25.45
N ASP A 11 13.35 -3.94 24.38
CA ASP A 11 13.43 -2.57 23.92
C ASP A 11 12.05 -2.08 23.58
N LEU A 12 11.23 -2.95 23.00
CA LEU A 12 9.95 -2.48 22.41
C LEU A 12 8.93 -2.27 23.54
N LEU A 13 9.05 -3.10 24.58
CA LEU A 13 8.30 -2.87 25.82
C LEU A 13 8.76 -1.62 26.59
N ARG A 14 10.06 -1.36 26.63
CA ARG A 14 10.57 -0.10 27.17
C ARG A 14 9.98 1.09 26.41
N CYS A 15 9.79 0.91 25.11
CA CYS A 15 9.24 1.95 24.28
C CYS A 15 7.75 2.16 24.58
N SER A 16 7.06 1.10 24.94
CA SER A 16 5.65 1.19 25.23
C SER A 16 5.43 1.91 26.56
N ARG A 17 6.41 1.83 27.46
CA ARG A 17 6.35 2.54 28.75
C ARG A 17 6.81 4.00 28.64
N GLY A 18 7.26 4.43 27.48
CA GLY A 18 7.68 5.82 27.28
C GLY A 18 9.14 6.05 27.59
N GLU A 19 9.88 4.96 27.78
CA GLU A 19 11.22 5.01 28.34
C GLU A 19 12.34 4.80 27.33
N LEU A 20 12.01 4.55 26.06
CA LEU A 20 13.06 4.40 25.04
C LEU A 20 13.35 5.76 24.40
N PHE A 21 12.31 6.51 24.04
CA PHE A 21 12.47 7.82 23.42
C PHE A 21 12.22 9.01 24.36
N GLY A 22 11.64 8.73 25.54
CA GLY A 22 11.57 9.72 26.61
C GLY A 22 10.24 10.45 26.71
N PRO A 23 10.10 11.31 27.71
CA PRO A 23 8.83 11.98 27.98
C PRO A 23 8.29 12.75 26.76
N GLY A 24 7.00 12.53 26.48
CA GLY A 24 6.32 13.23 25.39
C GLY A 24 6.63 12.68 24.01
N ASN A 25 7.48 11.66 23.93
CA ASN A 25 7.89 11.13 22.63
C ASN A 25 7.25 9.76 22.30
N ALA A 26 7.56 9.20 21.13
CA ALA A 26 6.75 8.13 20.54
C ALA A 26 6.68 6.90 21.47
N GLN A 27 5.49 6.31 21.58
CA GLN A 27 5.29 5.05 22.28
C GLN A 27 4.72 4.02 21.33
N LEU A 28 5.17 2.78 21.45
CA LEU A 28 4.41 1.65 20.92
C LEU A 28 3.27 1.33 21.85
N PRO A 29 2.18 0.73 21.34
CA PRO A 29 1.25 0.12 22.28
C PRO A 29 1.92 -0.96 23.10
N ALA A 30 1.37 -1.20 24.28
CA ALA A 30 1.70 -2.38 25.07
C ALA A 30 0.82 -3.56 24.64
N PRO A 31 1.17 -4.76 25.10
CA PRO A 31 0.28 -5.93 24.93
C PRO A 31 -1.08 -5.61 25.55
N ASN A 32 -2.17 -5.94 24.88
CA ASN A 32 -2.19 -6.87 23.75
C ASN A 32 -2.32 -6.21 22.37
N MET A 33 -2.21 -4.88 22.29
CA MET A 33 -2.23 -4.17 21.01
C MET A 33 -0.87 -4.16 20.31
N LEU A 34 0.21 -4.40 21.07
CA LEU A 34 1.53 -4.46 20.46
C LEU A 34 1.61 -5.63 19.47
N MET A 35 2.01 -5.34 18.22
CA MET A 35 1.99 -6.41 17.18
C MET A 35 3.37 -6.71 16.61
N ILE A 36 4.41 -6.39 17.37
CA ILE A 36 5.78 -6.64 16.97
C ILE A 36 6.49 -7.25 18.15
N ASP A 37 7.24 -8.35 17.92
CA ASP A 37 8.17 -8.86 18.90
C ASP A 37 9.55 -8.21 18.77
N ARG A 38 10.02 -7.99 17.55
CA ARG A 38 11.35 -7.41 17.37
C ARG A 38 11.52 -6.65 16.07
N ILE A 39 12.39 -5.65 16.11
CA ILE A 39 12.76 -4.95 14.91
C ILE A 39 14.11 -5.45 14.53
N VAL A 40 14.19 -6.18 13.43
CA VAL A 40 15.44 -6.83 13.10
C VAL A 40 16.36 -5.83 12.40
N HIS A 41 15.78 -4.85 11.72
CA HIS A 41 16.60 -3.83 11.05
C HIS A 41 15.83 -2.56 10.85
N ILE A 42 16.47 -1.45 11.19
CA ILE A 42 15.89 -0.13 10.96
C ILE A 42 17.01 0.79 10.49
N SER A 43 16.74 1.57 9.44
CA SER A 43 17.76 2.39 8.81
C SER A 43 17.08 3.60 8.18
N ASP A 44 17.77 4.75 8.09
CA ASP A 44 17.25 5.89 7.36
C ASP A 44 17.73 6.01 5.91
N VAL A 45 18.39 4.98 5.41
CA VAL A 45 18.75 4.88 4.00
C VAL A 45 18.27 3.50 3.49
N GLY A 46 18.42 3.26 2.19
CA GLY A 46 17.86 2.06 1.57
C GLY A 46 16.34 2.02 1.60
N GLY A 47 15.78 0.83 1.41
CA GLY A 47 14.38 0.71 1.11
C GLY A 47 13.96 1.13 -0.29
N LYS A 48 12.73 0.80 -0.63
CA LYS A 48 12.22 0.95 -1.98
C LYS A 48 12.42 2.36 -2.49
N TYR A 49 12.39 3.37 -1.61
CA TYR A 49 12.54 4.76 -2.06
C TYR A 49 13.89 5.36 -1.70
N GLY A 50 14.77 4.56 -1.08
CA GLY A 50 16.02 5.08 -0.58
C GLY A 50 15.93 6.07 0.56
N LYS A 51 14.76 6.12 1.21
CA LYS A 51 14.58 7.05 2.31
C LYS A 51 14.39 6.31 3.62
N GLY A 52 14.85 5.08 3.68
CA GLY A 52 14.76 4.33 4.94
C GLY A 52 13.84 3.10 4.88
N GLU A 53 14.08 2.15 5.77
CA GLU A 53 13.28 0.96 5.85
C GLU A 53 13.34 0.36 7.24
N LEU A 54 12.39 -0.53 7.48
CA LEU A 54 12.39 -1.37 8.66
C LEU A 54 12.07 -2.79 8.26
N VAL A 55 12.60 -3.73 9.01
CA VAL A 55 12.17 -5.11 8.95
C VAL A 55 11.91 -5.55 10.37
N ALA A 56 10.68 -6.02 10.62
CA ALA A 56 10.33 -6.47 11.97
C ALA A 56 9.61 -7.79 11.93
N GLU A 57 9.42 -8.40 13.09
CA GLU A 57 8.89 -9.75 13.15
C GLU A 57 7.91 -9.88 14.31
N LEU A 58 6.89 -10.71 14.10
CA LEU A 58 6.04 -11.22 15.18
C LEU A 58 6.02 -12.75 15.11
N ASP A 59 6.40 -13.39 16.22
CA ASP A 59 6.26 -14.83 16.34
C ASP A 59 4.79 -15.22 16.52
N ILE A 60 4.41 -16.31 15.87
CA ILE A 60 3.03 -16.79 15.91
C ILE A 60 3.06 -18.12 16.68
N ASN A 61 2.11 -18.30 17.60
CA ASN A 61 1.85 -19.61 18.16
C ASN A 61 0.35 -19.68 18.42
N PRO A 62 -0.19 -20.90 18.64
CA PRO A 62 -1.64 -21.07 18.58
C PRO A 62 -2.36 -20.44 19.78
N ASP A 63 -1.62 -19.94 20.77
CA ASP A 63 -2.25 -19.40 21.95
C ASP A 63 -2.36 -17.86 21.95
N LEU A 64 -1.88 -17.21 20.90
CA LEU A 64 -2.07 -15.77 20.80
C LEU A 64 -3.55 -15.49 20.97
N TRP A 65 -3.87 -14.45 21.72
CA TRP A 65 -5.21 -14.22 22.23
C TRP A 65 -6.22 -14.09 21.10
N PHE A 66 -5.82 -13.45 20.00
CA PHE A 66 -6.80 -13.07 18.96
C PHE A 66 -7.31 -14.26 18.14
N PHE A 67 -6.60 -15.39 18.22
CA PHE A 67 -7.06 -16.59 17.54
C PHE A 67 -8.34 -17.15 18.14
N ALA A 68 -8.46 -17.10 19.46
CA ALA A 68 -9.62 -17.67 20.15
C ALA A 68 -10.92 -16.97 19.76
N CYS A 69 -10.86 -15.66 19.54
CA CYS A 69 -12.06 -14.85 19.30
C CYS A 69 -12.25 -14.44 17.84
N ASN A 70 -11.24 -14.67 17.00
CA ASN A 70 -11.30 -14.25 15.61
C ASN A 70 -10.88 -15.37 14.67
N PHE A 71 -11.83 -16.19 14.22
CA PHE A 71 -13.18 -16.29 14.75
C PHE A 71 -13.27 -17.59 15.52
N GLU A 72 -14.29 -17.73 16.36
CA GLU A 72 -14.51 -19.00 17.04
C GLU A 72 -14.69 -20.11 15.99
N GLY A 73 -13.84 -21.15 16.08
CA GLY A 73 -13.94 -22.29 15.19
C GLY A 73 -13.22 -22.07 13.88
N ASP A 74 -12.70 -20.85 13.68
CA ASP A 74 -12.07 -20.46 12.43
C ASP A 74 -10.96 -19.43 12.70
N PRO A 75 -9.89 -19.88 13.39
CA PRO A 75 -8.88 -18.94 13.84
C PRO A 75 -8.07 -18.33 12.69
N VAL A 76 -7.93 -17.01 12.70
CA VAL A 76 -7.13 -16.33 11.70
C VAL A 76 -6.71 -14.98 12.24
N MET A 77 -5.47 -14.55 11.98
CA MET A 77 -5.05 -13.25 12.53
C MET A 77 -5.87 -12.11 11.96
N PRO A 78 -6.36 -11.22 12.82
CA PRO A 78 -7.06 -10.07 12.26
C PRO A 78 -6.18 -9.25 11.32
N GLY A 79 -6.67 -8.99 10.13
CA GLY A 79 -5.91 -8.18 9.21
C GLY A 79 -5.69 -6.80 9.79
N CYS A 80 -6.67 -6.31 10.55
CA CYS A 80 -6.57 -4.96 11.11
C CYS A 80 -5.36 -4.83 12.05
N LEU A 81 -4.97 -5.93 12.70
CA LEU A 81 -3.84 -5.91 13.60
C LEU A 81 -2.52 -5.99 12.87
N GLY A 82 -2.52 -6.66 11.73
CA GLY A 82 -1.35 -6.69 10.88
C GLY A 82 -1.11 -5.33 10.31
N LEU A 83 -2.20 -4.69 9.91
CA LEU A 83 -2.17 -3.31 9.44
C LEU A 83 -1.71 -2.38 10.55
N ASP A 84 -2.19 -2.62 11.79
CA ASP A 84 -1.73 -1.78 12.90
C ASP A 84 -0.23 -1.88 13.15
N ALA A 85 0.32 -3.10 13.03
CA ALA A 85 1.76 -3.30 13.18
C ALA A 85 2.53 -2.34 12.29
N MET A 86 2.04 -2.13 11.07
CA MET A 86 2.73 -1.28 10.13
C MET A 86 2.64 0.17 10.59
N TRP A 87 1.48 0.62 11.03
CA TRP A 87 1.36 1.95 11.63
C TRP A 87 2.26 2.08 12.88
N GLN A 88 2.29 1.04 13.71
CA GLN A 88 3.11 1.06 14.92
C GLN A 88 4.58 1.25 14.52
N LEU A 89 4.98 0.60 13.44
CA LEU A 89 6.37 0.65 12.99
C LEU A 89 6.74 1.99 12.37
N VAL A 90 5.80 2.59 11.65
CA VAL A 90 6.05 3.90 11.08
C VAL A 90 6.15 4.97 12.19
N GLY A 91 5.33 4.84 13.22
CA GLY A 91 5.44 5.78 14.34
C GLY A 91 6.75 5.60 15.11
N PHE A 92 7.12 4.34 15.30
CA PHE A 92 8.41 4.04 15.86
C PHE A 92 9.51 4.75 15.06
N TYR A 93 9.49 4.61 13.75
CA TYR A 93 10.53 5.20 12.92
C TYR A 93 10.69 6.72 13.19
N LEU A 94 9.57 7.42 13.29
CA LEU A 94 9.59 8.88 13.54
C LEU A 94 10.18 9.20 14.91
N GLY A 95 9.91 8.36 15.91
CA GLY A 95 10.54 8.52 17.22
C GLY A 95 12.03 8.26 17.13
N TRP A 96 12.37 7.24 16.37
CA TRP A 96 13.74 6.78 16.30
C TRP A 96 14.59 7.85 15.61
N GLN A 97 14.01 8.54 14.64
CA GLN A 97 14.68 9.66 13.99
C GLN A 97 15.02 10.85 14.90
N GLY A 98 14.34 10.98 16.03
CA GLY A 98 14.62 12.05 16.98
C GLY A 98 13.53 13.10 17.11
N ASN A 99 12.40 12.94 16.41
CA ASN A 99 11.32 13.91 16.44
C ASN A 99 10.58 13.81 17.77
N PRO A 100 10.09 14.96 18.24
CA PRO A 100 9.22 15.02 19.42
C PRO A 100 7.78 14.61 19.11
N GLY A 101 7.07 14.13 20.13
CA GLY A 101 5.61 13.97 20.11
C GLY A 101 5.13 12.54 20.12
N ARG A 102 3.86 12.37 20.49
CA ARG A 102 3.18 11.08 20.54
C ARG A 102 2.52 10.73 19.19
N GLY A 103 2.42 9.44 18.92
CA GLY A 103 2.02 8.93 17.64
C GLY A 103 0.53 8.84 17.49
N ARG A 104 0.05 9.20 16.30
CA ARG A 104 -1.31 8.94 15.84
C ARG A 104 -1.26 8.52 14.36
N ALA A 105 -1.78 7.33 14.06
CA ALA A 105 -2.02 6.90 12.69
C ALA A 105 -3.01 7.85 12.03
N LEU A 106 -2.74 8.24 10.80
CA LEU A 106 -3.62 9.15 10.08
C LEU A 106 -4.32 8.48 8.91
N GLY A 107 -3.88 7.26 8.56
CA GLY A 107 -4.58 6.45 7.59
C GLY A 107 -3.65 5.80 6.59
N SER A 108 -4.21 5.35 5.47
CA SER A 108 -3.45 4.75 4.36
C SER A 108 -4.19 4.90 3.04
N GLY A 109 -3.43 4.78 1.94
CA GLY A 109 -4.03 4.41 0.66
C GLY A 109 -4.33 2.91 0.66
N GLU A 110 -4.15 2.26 -0.47
CA GLU A 110 -4.74 0.97 -0.65
C GLU A 110 -4.16 -0.05 0.34
N VAL A 111 -5.05 -0.79 1.01
CA VAL A 111 -4.70 -1.93 1.81
C VAL A 111 -5.28 -3.20 1.17
N LYS A 112 -4.45 -4.23 1.00
CA LYS A 112 -4.88 -5.48 0.39
C LYS A 112 -4.53 -6.63 1.35
N PHE A 113 -5.51 -7.49 1.64
CA PHE A 113 -5.28 -8.72 2.35
C PHE A 113 -5.57 -9.81 1.36
N PHE A 114 -4.51 -10.48 0.90
CA PHE A 114 -4.64 -11.55 -0.07
C PHE A 114 -4.08 -12.89 0.40
N GLY A 115 -3.59 -12.96 1.62
CA GLY A 115 -3.33 -14.24 2.31
C GLY A 115 -3.70 -14.11 3.77
N GLN A 116 -3.55 -15.18 4.55
CA GLN A 116 -3.96 -15.16 5.94
C GLN A 116 -2.87 -15.69 6.87
N VAL A 117 -2.96 -15.31 8.14
CA VAL A 117 -2.12 -15.95 9.17
C VAL A 117 -2.94 -16.93 10.01
N LEU A 118 -2.65 -18.22 9.87
CA LEU A 118 -3.26 -19.26 10.71
C LEU A 118 -2.44 -19.52 11.98
N PRO A 119 -3.06 -20.16 12.99
CA PRO A 119 -2.34 -20.43 14.24
C PRO A 119 -1.19 -21.44 14.05
N THR A 120 -1.12 -22.07 12.89
CA THR A 120 -0.05 -23.01 12.59
C THR A 120 1.20 -22.31 12.06
N ALA A 121 1.10 -21.03 11.71
CA ALA A 121 2.26 -20.29 11.18
C ALA A 121 3.33 -20.07 12.28
N LYS A 122 4.56 -19.79 11.87
CA LYS A 122 5.67 -19.63 12.82
C LYS A 122 6.03 -18.17 13.04
N LYS A 123 6.00 -17.35 11.98
CA LYS A 123 6.55 -16.01 12.06
C LYS A 123 6.03 -15.06 10.98
N VAL A 124 5.51 -13.92 11.41
CA VAL A 124 5.12 -12.85 10.54
C VAL A 124 6.28 -11.86 10.42
N THR A 125 6.58 -11.46 9.19
CA THR A 125 7.58 -10.44 8.94
C THR A 125 6.97 -9.22 8.25
N TYR A 126 7.31 -8.06 8.77
CA TYR A 126 6.87 -6.77 8.24
C TYR A 126 8.05 -6.07 7.56
N ASN A 127 7.81 -5.61 6.34
CA ASN A 127 8.77 -4.79 5.62
C ASN A 127 8.11 -3.45 5.45
N ILE A 128 8.78 -2.38 5.91
CA ILE A 128 8.29 -1.01 5.75
C ILE A 128 9.31 -0.24 4.96
N HIS A 129 8.85 0.49 3.95
CA HIS A 129 9.69 1.37 3.14
C HIS A 129 9.24 2.83 3.29
N ILE A 130 10.08 3.65 3.90
CA ILE A 130 9.79 5.04 4.10
C ILE A 130 9.80 5.74 2.75
N LYS A 131 8.71 6.43 2.46
CA LYS A 131 8.56 7.17 1.20
C LYS A 131 8.89 8.66 1.38
N ARG A 132 8.62 9.20 2.56
CA ARG A 132 8.72 10.64 2.76
C ARG A 132 8.45 10.94 4.23
N THR A 133 9.29 11.77 4.84
CA THR A 133 8.99 12.33 6.13
C THR A 133 8.97 13.87 6.06
N ILE A 134 8.11 14.51 6.85
CA ILE A 134 8.22 15.94 7.13
C ILE A 134 8.51 16.12 8.60
N ASN A 135 9.31 17.13 8.92
CA ASN A 135 9.87 17.31 10.27
C ASN A 135 9.84 18.79 10.68
N ARG A 136 9.62 19.69 9.73
CA ARG A 136 9.40 21.10 10.08
C ARG A 136 7.91 21.41 10.02
N SER A 137 7.44 22.20 10.99
CA SER A 137 6.00 22.33 11.31
C SER A 137 5.44 21.00 11.83
N LEU A 138 4.54 20.38 11.07
CA LEU A 138 3.97 19.08 11.45
C LEU A 138 4.93 17.91 11.19
N VAL A 139 4.88 16.91 12.05
CA VAL A 139 5.75 15.76 11.91
C VAL A 139 4.94 14.59 11.37
N LEU A 140 5.32 14.11 10.19
CA LEU A 140 4.56 13.13 9.44
C LEU A 140 5.49 12.17 8.69
N ALA A 141 5.11 10.91 8.59
CA ALA A 141 5.77 9.95 7.72
C ALA A 141 4.74 9.30 6.81
N ILE A 142 5.13 9.13 5.54
CA ILE A 142 4.41 8.32 4.59
C ILE A 142 5.28 7.10 4.25
N ALA A 143 4.69 5.92 4.24
CA ALA A 143 5.43 4.68 3.97
C ALA A 143 4.57 3.68 3.21
N ASP A 144 5.24 2.71 2.59
CA ASP A 144 4.59 1.50 2.08
C ASP A 144 5.03 0.33 2.92
N GLY A 145 4.21 -0.71 2.96
CA GLY A 145 4.48 -1.86 3.82
C GLY A 145 3.91 -3.15 3.28
N THR A 146 4.58 -4.25 3.60
CA THR A 146 4.07 -5.57 3.29
C THR A 146 4.14 -6.44 4.54
N VAL A 147 3.16 -7.33 4.66
CA VAL A 147 3.21 -8.40 5.63
C VAL A 147 3.43 -9.72 4.90
N SER A 148 4.34 -10.50 5.45
CA SER A 148 4.58 -11.84 4.99
C SER A 148 4.45 -12.83 6.15
N VAL A 149 4.16 -14.10 5.85
CA VAL A 149 4.14 -15.15 6.88
C VAL A 149 4.91 -16.37 6.38
N ASP A 150 5.95 -16.72 7.12
CA ASP A 150 6.82 -17.85 6.79
C ASP A 150 7.25 -17.80 5.33
N GLY A 151 7.64 -16.62 4.88
CA GLY A 151 8.24 -16.44 3.56
C GLY A 151 7.27 -15.96 2.50
N ARG A 152 5.98 -16.09 2.78
CA ARG A 152 4.91 -15.82 1.80
C ARG A 152 4.31 -14.45 2.04
N GLU A 153 4.39 -13.58 1.02
CA GLU A 153 3.65 -12.30 1.05
C GLU A 153 2.14 -12.50 1.18
N ILE A 154 1.51 -11.73 2.07
CA ILE A 154 0.07 -11.88 2.30
C ILE A 154 -0.73 -10.58 2.41
N TYR A 155 -0.13 -9.50 2.89
CA TYR A 155 -0.78 -8.18 2.85
C TYR A 155 0.11 -7.12 2.24
N SER A 156 -0.52 -6.03 1.83
CA SER A 156 0.24 -4.84 1.45
C SER A 156 -0.56 -3.60 1.80
N ALA A 157 0.16 -2.53 2.12
CA ALA A 157 -0.46 -1.22 2.40
C ALA A 157 0.34 -0.17 1.66
N GLU A 158 -0.33 0.73 0.96
CA GLU A 158 0.39 1.81 0.34
C GLU A 158 0.03 3.10 1.02
N GLY A 159 0.99 3.98 1.15
CA GLY A 159 0.67 5.32 1.66
C GLY A 159 0.15 5.27 3.10
N LEU A 160 0.67 4.35 3.91
CA LEU A 160 0.61 4.52 5.36
C LEU A 160 1.03 5.92 5.78
N ARG A 161 0.21 6.55 6.63
CA ARG A 161 0.53 7.88 7.21
C ARG A 161 0.43 7.84 8.72
N VAL A 162 1.51 8.28 9.38
CA VAL A 162 1.53 8.45 10.83
C VAL A 162 2.14 9.82 11.16
N GLY A 163 1.54 10.53 12.12
CA GLY A 163 2.01 11.82 12.59
C GLY A 163 2.46 11.73 14.05
N LEU A 164 3.33 12.64 14.46
CA LEU A 164 3.64 12.82 15.87
C LEU A 164 3.11 14.16 16.35
N PHE A 165 2.51 14.18 17.54
CA PHE A 165 1.84 15.35 18.05
C PHE A 165 2.28 15.63 19.49
N THR A 166 2.72 16.87 19.74
CA THR A 166 3.10 17.28 21.10
C THR A 166 1.85 17.69 21.87
N SER A 167 0.79 17.96 21.12
CA SER A 167 -0.54 18.19 21.67
C SER A 167 -1.58 17.39 20.90
N THR A 168 -2.42 16.65 21.61
CA THR A 168 -3.44 15.84 20.97
C THR A 168 -4.82 16.17 21.51
N ASP A 169 -5.04 17.42 21.84
CA ASP A 169 -6.41 17.94 22.00
C ASP A 169 -6.97 18.43 20.66
N THR B 2 -32.81 -10.40 5.24
CA THR B 2 -33.64 -9.31 4.65
C THR B 2 -35.01 -9.32 5.32
N LYS B 3 -35.02 -9.62 6.61
CA LYS B 3 -36.24 -9.53 7.39
C LYS B 3 -36.00 -8.64 8.60
N GLN B 4 -35.00 -8.98 9.42
CA GLN B 4 -34.68 -8.17 10.60
C GLN B 4 -33.85 -6.93 10.21
N HIS B 5 -34.19 -5.79 10.78
CA HIS B 5 -33.57 -4.51 10.42
C HIS B 5 -32.75 -3.90 11.56
N ALA B 6 -32.78 -4.55 12.72
CA ALA B 6 -31.96 -4.14 13.86
C ALA B 6 -31.44 -5.41 14.54
N PHE B 7 -30.26 -5.32 15.13
CA PHE B 7 -29.74 -6.42 15.93
C PHE B 7 -29.19 -5.96 17.29
N THR B 8 -29.55 -6.69 18.33
CA THR B 8 -29.04 -6.43 19.67
C THR B 8 -27.64 -7.01 19.81
N ARG B 9 -27.01 -6.72 20.94
CA ARG B 9 -25.69 -7.22 21.27
C ARG B 9 -25.74 -8.73 21.47
N GLU B 10 -26.79 -9.21 22.13
CA GLU B 10 -27.10 -10.64 22.16
C GLU B 10 -27.10 -11.31 20.77
N ASP B 11 -27.74 -10.69 19.78
CA ASP B 11 -27.77 -11.27 18.43
C ASP B 11 -26.37 -11.34 17.85
N LEU B 12 -25.59 -10.30 18.14
CA LEU B 12 -24.27 -10.20 17.57
C LEU B 12 -23.34 -11.20 18.27
N LEU B 13 -23.58 -11.44 19.55
CA LEU B 13 -22.90 -12.53 20.27
C LEU B 13 -23.23 -13.90 19.64
N ARG B 14 -24.52 -14.18 19.46
CA ARG B 14 -24.95 -15.39 18.77
C ARG B 14 -24.23 -15.53 17.44
N CYS B 15 -24.13 -14.43 16.70
CA CYS B 15 -23.44 -14.42 15.41
C CYS B 15 -21.98 -14.84 15.55
N SER B 16 -21.29 -14.28 16.53
CA SER B 16 -19.88 -14.62 16.73
C SER B 16 -19.69 -16.11 17.04
N ARG B 17 -20.73 -16.73 17.60
CA ARG B 17 -20.68 -18.16 17.92
C ARG B 17 -21.08 -19.06 16.72
N GLY B 18 -21.45 -18.46 15.60
CA GLY B 18 -21.89 -19.24 14.46
C GLY B 18 -23.37 -19.57 14.44
N GLU B 19 -24.09 -19.01 15.42
CA GLU B 19 -25.44 -19.43 15.71
C GLU B 19 -26.50 -18.54 15.06
N LEU B 20 -26.09 -17.47 14.37
CA LEU B 20 -27.06 -16.63 13.67
C LEU B 20 -27.20 -17.02 12.18
N PHE B 21 -26.09 -17.28 11.51
CA PHE B 21 -26.18 -17.63 10.09
C PHE B 21 -25.87 -19.12 9.82
N GLY B 22 -25.41 -19.83 10.85
CA GLY B 22 -25.21 -21.29 10.79
C GLY B 22 -23.80 -21.73 10.41
N PRO B 23 -23.56 -23.04 10.35
CA PRO B 23 -22.21 -23.59 10.11
C PRO B 23 -21.57 -23.07 8.83
N GLY B 24 -20.27 -22.82 8.88
CA GLY B 24 -19.53 -22.38 7.71
C GLY B 24 -20.02 -21.05 7.16
N ASN B 25 -20.85 -20.35 7.91
CA ASN B 25 -21.35 -19.05 7.45
C ASN B 25 -20.79 -17.87 8.28
N ALA B 26 -21.17 -16.64 7.90
CA ALA B 26 -20.55 -15.43 8.43
C ALA B 26 -20.60 -15.37 9.96
N GLN B 27 -19.44 -15.16 10.57
CA GLN B 27 -19.31 -14.86 12.00
C GLN B 27 -18.73 -13.49 12.23
N LEU B 28 -19.27 -12.78 13.21
CA LEU B 28 -18.55 -11.69 13.80
C LEU B 28 -17.41 -12.23 14.66
N PRO B 29 -16.34 -11.46 14.78
CA PRO B 29 -15.43 -11.74 15.88
C PRO B 29 -16.16 -11.67 17.22
N ALA B 30 -15.76 -12.54 18.14
CA ALA B 30 -16.15 -12.47 19.55
C ALA B 30 -15.30 -11.43 20.28
N PRO B 31 -15.76 -10.95 21.43
CA PRO B 31 -14.88 -10.17 22.30
C PRO B 31 -13.57 -10.91 22.50
N ASN B 32 -12.44 -10.21 22.52
CA ASN B 32 -12.41 -8.74 22.53
C ASN B 32 -12.09 -8.09 21.19
N MET B 33 -12.33 -8.80 20.08
CA MET B 33 -12.12 -8.24 18.76
C MET B 33 -13.43 -7.68 18.21
N LEU B 34 -14.55 -8.01 18.84
CA LEU B 34 -15.84 -7.48 18.38
C LEU B 34 -15.95 -6.00 18.72
N MET B 35 -16.24 -5.16 17.72
CA MET B 35 -16.17 -3.71 17.88
C MET B 35 -17.52 -3.04 17.61
N ILE B 36 -18.58 -3.83 17.78
CA ILE B 36 -19.98 -3.35 17.63
C ILE B 36 -20.79 -3.87 18.80
N ASP B 37 -21.63 -3.02 19.39
CA ASP B 37 -22.57 -3.44 20.41
C ASP B 37 -23.93 -3.71 19.79
N ARG B 38 -24.31 -2.92 18.80
CA ARG B 38 -25.62 -3.08 18.22
C ARG B 38 -25.66 -2.57 16.80
N ILE B 39 -26.52 -3.17 15.99
CA ILE B 39 -26.79 -2.66 14.66
C ILE B 39 -28.15 -2.03 14.77
N VAL B 40 -28.22 -0.71 14.74
CA VAL B 40 -29.47 -0.01 14.87
C VAL B 40 -30.26 0.04 13.56
N HIS B 41 -29.60 -0.02 12.41
CA HIS B 41 -30.34 -0.15 11.15
C HIS B 41 -29.52 -0.85 10.09
N ILE B 42 -30.20 -1.72 9.35
CA ILE B 42 -29.59 -2.37 8.20
C ILE B 42 -30.70 -2.56 7.17
N SER B 43 -30.45 -2.06 5.98
CA SER B 43 -31.36 -2.14 4.88
C SER B 43 -30.58 -2.47 3.63
N ASP B 44 -31.27 -2.97 2.61
CA ASP B 44 -30.65 -3.18 1.31
C ASP B 44 -31.07 -2.13 0.30
N VAL B 45 -31.69 -1.06 0.78
CA VAL B 45 -31.94 0.09 -0.07
C VAL B 45 -31.41 1.31 0.62
N GLY B 46 -31.36 2.42 -0.10
CA GLY B 46 -30.83 3.67 0.45
C GLY B 46 -29.34 3.60 0.72
N GLY B 47 -28.85 4.49 1.59
CA GLY B 47 -27.43 4.80 1.59
C GLY B 47 -26.97 5.63 0.41
N LYS B 48 -25.72 6.05 0.49
CA LYS B 48 -25.08 6.96 -0.46
C LYS B 48 -25.23 6.49 -1.92
N TYR B 49 -25.30 5.19 -2.17
CA TYR B 49 -25.36 4.65 -3.54
C TYR B 49 -26.70 4.03 -3.85
N GLY B 50 -27.65 4.10 -2.93
CA GLY B 50 -28.97 3.51 -3.16
C GLY B 50 -28.93 1.99 -3.10
N LYS B 51 -27.82 1.41 -2.62
CA LYS B 51 -27.65 -0.04 -2.65
C LYS B 51 -27.59 -0.66 -1.26
N GLY B 52 -28.06 0.07 -0.25
CA GLY B 52 -28.02 -0.42 1.12
C GLY B 52 -27.13 0.34 2.08
N GLU B 53 -27.45 0.25 3.36
CA GLU B 53 -26.65 0.92 4.36
C GLU B 53 -26.82 0.26 5.70
N LEU B 54 -25.87 0.52 6.59
CA LEU B 54 -25.98 0.12 7.99
C LEU B 54 -25.64 1.33 8.86
N VAL B 55 -26.35 1.45 9.97
CA VAL B 55 -25.96 2.30 11.08
C VAL B 55 -25.77 1.40 12.30
N ALA B 56 -24.62 1.52 12.93
CA ALA B 56 -24.27 0.64 14.05
C ALA B 56 -23.58 1.46 15.15
N GLU B 57 -23.52 0.90 16.35
CA GLU B 57 -23.00 1.63 17.48
C GLU B 57 -22.07 0.80 18.35
N LEU B 58 -21.10 1.46 18.97
CA LEU B 58 -20.28 0.85 20.02
C LEU B 58 -20.28 1.80 21.21
N ASP B 59 -20.66 1.30 22.38
CA ASP B 59 -20.61 2.12 23.59
C ASP B 59 -19.18 2.20 24.11
N ILE B 60 -18.79 3.38 24.58
CA ILE B 60 -17.44 3.56 25.07
C ILE B 60 -17.54 3.81 26.57
N ASN B 61 -16.73 3.11 27.35
CA ASN B 61 -16.47 3.46 28.75
C ASN B 61 -14.95 3.32 28.98
N PRO B 62 -14.43 3.87 30.09
CA PRO B 62 -12.97 3.94 30.26
C PRO B 62 -12.28 2.62 30.59
N ASP B 63 -13.05 1.57 30.87
CA ASP B 63 -12.48 0.25 31.19
C ASP B 63 -12.20 -0.65 29.97
N LEU B 64 -12.49 -0.18 28.77
CA LEU B 64 -12.32 -1.06 27.63
C LEU B 64 -10.83 -1.37 27.48
N TRP B 65 -10.52 -2.62 27.16
CA TRP B 65 -9.18 -3.13 27.31
C TRP B 65 -8.19 -2.25 26.55
N PHE B 66 -8.55 -1.79 25.36
CA PHE B 66 -7.54 -1.19 24.49
C PHE B 66 -7.02 0.16 25.01
N PHE B 67 -7.75 0.78 25.94
CA PHE B 67 -7.35 2.06 26.52
C PHE B 67 -6.13 1.96 27.41
N ALA B 68 -6.05 0.91 28.24
CA ALA B 68 -4.90 0.69 29.12
C ALA B 68 -3.60 0.47 28.35
N CYS B 69 -3.66 -0.21 27.22
CA CYS B 69 -2.42 -0.55 26.50
C CYS B 69 -2.15 0.33 25.27
N ASN B 70 -3.13 1.11 24.84
CA ASN B 70 -2.96 1.95 23.67
C ASN B 70 -3.35 3.42 23.93
N PHE B 71 -2.40 4.29 24.28
CA PHE B 71 -1.08 3.96 24.76
C PHE B 71 -1.04 4.10 26.28
N GLU B 72 -0.03 3.52 26.94
CA GLU B 72 0.16 3.81 28.37
C GLU B 72 0.37 5.30 28.64
N GLY B 73 -0.48 5.88 29.48
CA GLY B 73 -0.40 7.28 29.86
C GLY B 73 -0.99 8.18 28.79
N ASP B 74 -1.53 7.59 27.72
CA ASP B 74 -2.07 8.38 26.61
C ASP B 74 -3.18 7.56 25.90
N PRO B 75 -4.33 7.36 26.60
CA PRO B 75 -5.33 6.41 26.13
C PRO B 75 -6.07 6.92 24.90
N VAL B 76 -6.16 6.09 23.86
CA VAL B 76 -6.90 6.41 22.67
C VAL B 76 -7.26 5.11 21.94
N MET B 77 -8.51 5.02 21.50
CA MET B 77 -8.93 3.84 20.78
C MET B 77 -8.11 3.67 19.52
N PRO B 78 -7.55 2.46 19.30
CA PRO B 78 -6.81 2.22 18.07
C PRO B 78 -7.71 2.39 16.84
N GLY B 79 -7.28 3.25 15.93
CA GLY B 79 -7.97 3.45 14.67
C GLY B 79 -8.23 2.15 13.91
N CYS B 80 -7.27 1.24 13.96
CA CYS B 80 -7.42 -0.04 13.29
C CYS B 80 -8.66 -0.81 13.77
N LEU B 81 -9.03 -0.68 15.05
CA LEU B 81 -10.21 -1.35 15.58
C LEU B 81 -11.51 -0.70 15.09
N GLY B 82 -11.49 0.60 14.88
CA GLY B 82 -12.65 1.27 14.30
C GLY B 82 -12.78 0.94 12.82
N LEU B 83 -11.65 0.79 12.15
CA LEU B 83 -11.65 0.30 10.79
C LEU B 83 -12.16 -1.13 10.72
N ASP B 84 -11.76 -1.95 11.70
CA ASP B 84 -12.21 -3.32 11.69
C ASP B 84 -13.71 -3.43 11.88
N ALA B 85 -14.30 -2.56 12.73
CA ALA B 85 -15.76 -2.54 12.94
C ALA B 85 -16.47 -2.37 11.61
N MET B 86 -15.83 -1.63 10.71
CA MET B 86 -16.38 -1.37 9.39
C MET B 86 -16.28 -2.61 8.51
N TRP B 87 -15.13 -3.29 8.52
CA TRP B 87 -15.04 -4.59 7.85
C TRP B 87 -16.04 -5.60 8.48
N GLN B 88 -16.20 -5.54 9.78
CA GLN B 88 -17.11 -6.46 10.47
C GLN B 88 -18.52 -6.24 9.98
N LEU B 89 -18.91 -4.99 9.81
CA LEU B 89 -20.27 -4.67 9.39
C LEU B 89 -20.53 -5.05 7.92
N VAL B 90 -19.54 -4.85 7.06
CA VAL B 90 -19.69 -5.19 5.64
C VAL B 90 -19.78 -6.73 5.47
N GLY B 91 -19.12 -7.44 6.35
CA GLY B 91 -19.21 -8.90 6.40
C GLY B 91 -20.55 -9.39 6.89
N PHE B 92 -21.03 -8.77 7.97
CA PHE B 92 -22.33 -9.06 8.47
C PHE B 92 -23.40 -8.86 7.37
N TYR B 93 -23.29 -7.76 6.64
CA TYR B 93 -24.27 -7.45 5.60
C TYR B 93 -24.38 -8.58 4.53
N LEU B 94 -23.25 -9.15 4.15
CA LEU B 94 -23.24 -10.21 3.14
C LEU B 94 -23.95 -11.48 3.65
N GLY B 95 -23.74 -11.78 4.92
CA GLY B 95 -24.44 -12.88 5.56
C GLY B 95 -25.92 -12.55 5.71
N TRP B 96 -26.23 -11.32 6.02
CA TRP B 96 -27.63 -10.91 6.22
C TRP B 96 -28.42 -10.90 4.87
N GLN B 97 -27.73 -10.70 3.75
CA GLN B 97 -28.37 -10.91 2.46
C GLN B 97 -28.62 -12.39 2.17
N GLY B 98 -28.16 -13.31 3.00
CA GLY B 98 -28.43 -14.75 2.75
C GLY B 98 -27.36 -15.45 1.92
N ASN B 99 -26.16 -14.91 1.90
CA ASN B 99 -25.07 -15.64 1.27
C ASN B 99 -24.38 -16.63 2.23
N PRO B 100 -23.94 -17.77 1.72
CA PRO B 100 -23.12 -18.67 2.52
C PRO B 100 -21.67 -18.25 2.57
N GLY B 101 -20.94 -18.81 3.53
CA GLY B 101 -19.50 -18.64 3.55
C GLY B 101 -18.96 -17.85 4.73
N ARG B 102 -17.69 -18.07 5.02
CA ARG B 102 -17.00 -17.38 6.11
C ARG B 102 -16.34 -16.08 5.64
N GLY B 103 -16.33 -15.08 6.52
CA GLY B 103 -15.78 -13.78 6.18
C GLY B 103 -14.26 -13.74 6.10
N ARG B 104 -13.76 -13.00 5.12
CA ARG B 104 -12.44 -12.41 5.19
C ARG B 104 -12.46 -10.98 4.63
N ALA B 105 -11.98 -10.04 5.42
CA ALA B 105 -11.67 -8.72 4.90
C ALA B 105 -10.61 -8.85 3.80
N LEU B 106 -10.83 -8.13 2.70
CA LEU B 106 -9.86 -8.15 1.59
C LEU B 106 -9.11 -6.85 1.41
N GLY B 107 -9.63 -5.77 2.00
CA GLY B 107 -8.86 -4.55 2.12
C GLY B 107 -9.71 -3.29 2.07
N SER B 108 -9.11 -2.19 1.61
CA SER B 108 -9.84 -0.95 1.35
C SER B 108 -9.04 -0.03 0.44
N GLY B 109 -9.71 0.94 -0.15
CA GLY B 109 -9.06 2.18 -0.64
C GLY B 109 -8.83 3.13 0.53
N GLU B 110 -8.90 4.42 0.30
CA GLU B 110 -8.40 5.38 1.26
C GLU B 110 -9.02 5.20 2.66
N VAL B 111 -8.17 5.14 3.68
CA VAL B 111 -8.59 5.21 5.05
C VAL B 111 -7.99 6.49 5.62
N LYS B 112 -8.81 7.31 6.29
CA LYS B 112 -8.39 8.55 6.94
C LYS B 112 -8.84 8.54 8.42
N PHE B 113 -7.90 8.79 9.32
CA PHE B 113 -8.22 9.02 10.72
C PHE B 113 -7.94 10.47 11.02
N PHE B 114 -8.97 11.22 11.41
CA PHE B 114 -8.83 12.66 11.60
C PHE B 114 -9.51 13.13 12.89
N GLY B 115 -9.58 12.24 13.87
CA GLY B 115 -10.12 12.55 15.19
C GLY B 115 -9.88 11.32 16.03
N GLN B 116 -10.21 11.35 17.30
CA GLN B 116 -9.88 10.23 18.14
C GLN B 116 -11.03 9.86 19.08
N VAL B 117 -11.04 8.61 19.53
CA VAL B 117 -11.95 8.20 20.58
C VAL B 117 -11.20 8.08 21.89
N LEU B 118 -11.48 9.02 22.79
CA LEU B 118 -10.86 9.05 24.11
C LEU B 118 -11.75 8.25 25.07
N PRO B 119 -11.18 7.78 26.20
CA PRO B 119 -11.96 7.03 27.20
C PRO B 119 -13.11 7.80 27.85
N THR B 120 -13.16 9.11 27.65
CA THR B 120 -14.28 9.95 28.11
C THR B 120 -15.45 10.00 27.12
N ALA B 121 -15.29 9.42 25.94
CA ALA B 121 -16.40 9.39 24.96
C ALA B 121 -17.54 8.53 25.48
N LYS B 122 -18.74 8.77 24.95
CA LYS B 122 -19.92 7.97 25.28
C LYS B 122 -20.24 6.92 24.21
N LYS B 123 -20.22 7.31 22.94
CA LYS B 123 -20.67 6.37 21.91
C LYS B 123 -20.12 6.60 20.49
N VAL B 124 -19.55 5.52 19.94
CA VAL B 124 -19.16 5.50 18.55
C VAL B 124 -20.27 5.01 17.61
N THR B 125 -20.46 5.75 16.52
CA THR B 125 -21.45 5.40 15.49
C THR B 125 -20.79 5.15 14.15
N TYR B 126 -21.13 4.02 13.55
CA TYR B 126 -20.59 3.64 12.25
C TYR B 126 -21.70 3.80 11.23
N ASN B 127 -21.39 4.46 10.12
CA ASN B 127 -22.27 4.51 8.94
C ASN B 127 -21.62 3.80 7.79
N ILE B 128 -22.32 2.81 7.24
CA ILE B 128 -21.79 1.99 6.15
C ILE B 128 -22.71 2.13 4.93
N HIS B 129 -22.12 2.54 3.81
CA HIS B 129 -22.84 2.69 2.58
C HIS B 129 -22.36 1.62 1.61
N ILE B 130 -23.24 0.65 1.36
CA ILE B 130 -22.98 -0.42 0.40
C ILE B 130 -22.95 0.15 -1.00
N LYS B 131 -21.83 -0.11 -1.66
CA LYS B 131 -21.59 0.44 -2.98
C LYS B 131 -21.92 -0.59 -4.04
N ARG B 132 -21.48 -1.83 -3.84
CA ARG B 132 -21.91 -2.91 -4.74
C ARG B 132 -21.59 -4.28 -4.18
N THR B 133 -22.45 -5.25 -4.51
CA THR B 133 -22.24 -6.62 -4.04
C THR B 133 -22.34 -7.53 -5.23
N ILE B 134 -21.57 -8.60 -5.22
CA ILE B 134 -21.73 -9.71 -6.14
C ILE B 134 -21.97 -11.03 -5.42
N ASN B 135 -22.46 -11.97 -6.21
CA ASN B 135 -23.02 -13.23 -5.77
C ASN B 135 -22.62 -14.40 -6.66
N ARG B 136 -22.23 -14.08 -7.89
CA ARG B 136 -22.42 -14.99 -9.01
C ARG B 136 -21.43 -16.16 -8.88
N SER B 137 -20.15 -15.86 -8.70
CA SER B 137 -19.22 -16.87 -8.21
C SER B 137 -18.63 -16.44 -6.87
N LEU B 138 -17.67 -15.53 -6.87
CA LEU B 138 -17.18 -15.01 -5.58
C LEU B 138 -18.21 -14.08 -4.96
N VAL B 139 -18.37 -14.18 -3.64
CA VAL B 139 -19.26 -13.35 -2.89
C VAL B 139 -18.45 -12.19 -2.27
N LEU B 140 -18.80 -10.96 -2.64
CA LEU B 140 -17.96 -9.79 -2.39
C LEU B 140 -18.84 -8.57 -2.19
N ALA B 141 -18.50 -7.76 -1.18
CA ALA B 141 -19.13 -6.44 -0.98
C ALA B 141 -18.08 -5.36 -0.99
N ILE B 142 -18.42 -4.25 -1.64
CA ILE B 142 -17.65 -3.03 -1.58
C ILE B 142 -18.52 -1.95 -0.93
N ALA B 143 -17.92 -1.21 -0.01
CA ALA B 143 -18.66 -0.20 0.77
C ALA B 143 -17.73 0.96 1.11
N ASP B 144 -18.37 2.10 1.41
CA ASP B 144 -17.73 3.23 2.05
C ASP B 144 -18.27 3.29 3.47
N GLY B 145 -17.46 3.85 4.36
CA GLY B 145 -17.84 3.90 5.76
C GLY B 145 -17.31 5.14 6.46
N THR B 146 -18.07 5.60 7.45
CA THR B 146 -17.58 6.62 8.36
C THR B 146 -17.74 6.23 9.82
N VAL B 147 -16.83 6.72 10.65
CA VAL B 147 -16.92 6.52 12.10
C VAL B 147 -17.13 7.90 12.73
N SER B 148 -18.05 7.98 13.68
CA SER B 148 -18.29 9.22 14.39
C SER B 148 -18.21 8.94 15.87
N VAL B 149 -17.85 9.96 16.65
CA VAL B 149 -17.85 9.79 18.09
C VAL B 149 -18.65 10.93 18.73
N ASP B 150 -19.71 10.57 19.44
CA ASP B 150 -20.62 11.55 20.00
C ASP B 150 -20.94 12.68 19.05
N GLY B 151 -21.42 12.35 17.86
CA GLY B 151 -21.88 13.37 16.91
C GLY B 151 -20.81 13.88 15.94
N ARG B 152 -19.54 13.64 16.27
CA ARG B 152 -18.44 14.18 15.50
C ARG B 152 -17.80 13.13 14.61
N GLU B 153 -17.76 13.41 13.31
CA GLU B 153 -17.11 12.51 12.35
C GLU B 153 -15.61 12.50 12.56
N ILE B 154 -15.02 11.31 12.68
CA ILE B 154 -13.59 11.21 12.99
C ILE B 154 -12.75 10.27 12.10
N TYR B 155 -13.38 9.26 11.49
CA TYR B 155 -12.73 8.43 10.48
C TYR B 155 -13.57 8.30 9.20
N SER B 156 -12.89 8.06 8.10
CA SER B 156 -13.53 7.58 6.88
C SER B 156 -12.74 6.43 6.26
N ALA B 157 -13.46 5.58 5.53
CA ALA B 157 -12.84 4.59 4.64
C ALA B 157 -13.63 4.51 3.34
N GLU B 158 -12.91 4.46 2.23
CA GLU B 158 -13.54 4.28 0.94
C GLU B 158 -13.13 2.90 0.39
N GLY B 159 -14.11 2.22 -0.22
CA GLY B 159 -13.81 0.98 -0.96
C GLY B 159 -13.38 -0.14 -0.04
N LEU B 160 -14.00 -0.20 1.15
CA LEU B 160 -13.95 -1.40 1.98
C LEU B 160 -14.37 -2.64 1.21
N ARG B 161 -13.51 -3.66 1.19
CA ARG B 161 -13.83 -4.90 0.53
C ARG B 161 -13.82 -6.05 1.53
N VAL B 162 -14.89 -6.85 1.50
CA VAL B 162 -15.00 -8.05 2.28
C VAL B 162 -15.62 -9.13 1.40
N GLY B 163 -15.06 -10.33 1.47
CA GLY B 163 -15.70 -11.51 0.87
C GLY B 163 -16.15 -12.58 1.86
N LEU B 164 -17.06 -13.43 1.39
CA LEU B 164 -17.47 -14.66 2.06
C LEU B 164 -16.98 -15.83 1.23
N PHE B 165 -16.47 -16.84 1.92
CA PHE B 165 -15.78 -17.98 1.32
C PHE B 165 -16.26 -19.29 1.95
N THR B 166 -16.69 -20.21 1.10
CA THR B 166 -17.02 -21.54 1.54
C THR B 166 -15.73 -22.35 1.74
N SER B 167 -14.65 -21.85 1.17
CA SER B 167 -13.33 -22.41 1.39
C SER B 167 -12.30 -21.27 1.51
N THR B 168 -11.42 -21.35 2.52
CA THR B 168 -10.42 -20.33 2.75
C THR B 168 -8.99 -20.82 2.51
N ASP B 169 -8.85 -21.93 1.76
CA ASP B 169 -7.54 -22.50 1.46
C ASP B 169 -6.81 -21.78 0.32
N SER B 170 -7.49 -20.91 -0.43
CA SER B 170 -6.78 -19.97 -1.31
C SER B 170 -5.85 -19.04 -0.51
N PHE B 171 -6.28 -18.65 0.69
CA PHE B 171 -5.55 -17.69 1.52
C PHE B 171 -4.29 -18.30 2.17
N THR C 2 36.69 11.16 -19.80
CA THR C 2 35.89 11.23 -21.04
C THR C 2 36.81 11.27 -22.27
N LYS C 3 38.06 10.87 -22.06
CA LYS C 3 39.13 11.10 -23.04
C LYS C 3 39.07 10.06 -24.17
N GLN C 4 39.06 8.78 -23.80
CA GLN C 4 38.98 7.66 -24.75
C GLN C 4 37.55 7.43 -25.20
N HIS C 5 37.36 7.14 -26.49
CA HIS C 5 36.03 6.92 -27.04
C HIS C 5 35.78 5.46 -27.49
N ALA C 6 36.78 4.60 -27.31
CA ALA C 6 36.60 3.15 -27.56
C ALA C 6 37.41 2.34 -26.54
N PHE C 7 36.91 1.17 -26.13
CA PHE C 7 37.68 0.29 -25.24
C PHE C 7 37.75 -1.13 -25.80
N THR C 8 38.92 -1.75 -25.70
CA THR C 8 39.13 -3.15 -26.07
C THR C 8 38.73 -4.12 -24.94
N ARG C 9 38.74 -5.42 -25.23
CA ARG C 9 38.40 -6.41 -24.20
C ARG C 9 39.37 -6.37 -23.04
N GLU C 10 40.65 -6.25 -23.36
CA GLU C 10 41.67 -6.15 -22.31
C GLU C 10 41.38 -4.99 -21.36
N ASP C 11 40.91 -3.86 -21.90
CA ASP C 11 40.55 -2.70 -21.10
C ASP C 11 39.38 -3.06 -20.17
N LEU C 12 38.41 -3.79 -20.71
CA LEU C 12 37.20 -4.15 -19.96
C LEU C 12 37.59 -5.12 -18.83
N LEU C 13 38.52 -6.03 -19.11
CA LEU C 13 38.99 -6.95 -18.06
C LEU C 13 39.79 -6.19 -17.01
N ARG C 14 40.55 -5.19 -17.43
CA ARG C 14 41.23 -4.32 -16.46
C ARG C 14 40.23 -3.61 -15.57
N CYS C 15 39.12 -3.21 -16.15
CA CYS C 15 38.04 -2.56 -15.41
C CYS C 15 37.41 -3.49 -14.38
N SER C 16 37.17 -4.73 -14.81
CA SER C 16 36.67 -5.78 -13.91
C SER C 16 37.59 -6.03 -12.72
N ARG C 17 38.89 -5.81 -12.89
CA ARG C 17 39.83 -6.01 -11.77
C ARG C 17 40.00 -4.74 -10.95
N GLY C 18 39.19 -3.72 -11.18
CA GLY C 18 39.37 -2.45 -10.49
C GLY C 18 40.54 -1.62 -10.96
N GLU C 19 41.17 -1.99 -12.08
CA GLU C 19 42.40 -1.33 -12.51
C GLU C 19 42.21 -0.27 -13.59
N LEU C 20 40.97 -0.01 -13.99
CA LEU C 20 40.75 1.09 -14.91
C LEU C 20 40.39 2.35 -14.13
N PHE C 21 39.47 2.23 -13.19
CA PHE C 21 38.93 3.42 -12.57
C PHE C 21 39.52 3.60 -11.15
N GLY C 22 40.29 2.62 -10.69
CA GLY C 22 40.95 2.67 -9.39
C GLY C 22 40.13 2.21 -8.17
N PRO C 23 40.71 2.39 -6.96
CA PRO C 23 40.12 1.95 -5.71
C PRO C 23 38.75 2.56 -5.44
N GLY C 24 37.83 1.70 -5.06
CA GLY C 24 36.48 2.11 -4.69
C GLY C 24 35.61 2.52 -5.86
N ASN C 25 36.09 2.34 -7.09
CA ASN C 25 35.39 2.89 -8.23
C ASN C 25 34.83 1.80 -9.15
N ALA C 26 34.09 2.22 -10.18
CA ALA C 26 33.27 1.34 -11.02
C ALA C 26 34.07 0.12 -11.50
N GLN C 27 33.54 -1.08 -11.28
CA GLN C 27 34.07 -2.30 -11.87
C GLN C 27 33.01 -2.95 -12.76
N LEU C 28 33.41 -3.46 -13.92
CA LEU C 28 32.51 -4.38 -14.63
C LEU C 28 32.63 -5.76 -13.98
N PRO C 29 31.59 -6.59 -14.12
CA PRO C 29 31.73 -8.00 -13.75
C PRO C 29 32.84 -8.65 -14.56
N ALA C 30 33.54 -9.59 -13.95
CA ALA C 30 34.48 -10.44 -14.68
C ALA C 30 33.73 -11.59 -15.34
N PRO C 31 34.38 -12.28 -16.30
CA PRO C 31 33.80 -13.53 -16.81
C PRO C 31 33.50 -14.46 -15.64
N ASN C 32 32.31 -15.05 -15.59
CA ASN C 32 31.45 -15.27 -16.74
C ASN C 32 30.21 -14.39 -16.75
N MET C 33 30.19 -13.36 -15.91
CA MET C 33 29.09 -12.40 -15.92
C MET C 33 29.33 -11.27 -16.90
N LEU C 34 30.58 -10.97 -17.27
CA LEU C 34 30.89 -9.95 -18.29
C LEU C 34 30.22 -10.23 -19.64
N MET C 35 29.40 -9.29 -20.12
CA MET C 35 28.57 -9.56 -21.27
C MET C 35 28.89 -8.63 -22.43
N ILE C 36 30.08 -8.06 -22.38
CA ILE C 36 30.57 -7.14 -23.38
C ILE C 36 31.97 -7.59 -23.77
N ASP C 37 32.28 -7.66 -25.06
CA ASP C 37 33.68 -7.81 -25.52
C ASP C 37 34.39 -6.49 -25.77
N ARG C 38 33.64 -5.47 -26.19
CA ARG C 38 34.27 -4.19 -26.51
C ARG C 38 33.24 -3.07 -26.53
N ILE C 39 33.71 -1.88 -26.21
CA ILE C 39 32.95 -0.67 -26.43
C ILE C 39 33.54 -0.01 -27.65
N VAL C 40 32.79 0.00 -28.74
CA VAL C 40 33.33 0.49 -30.01
C VAL C 40 33.20 2.01 -30.03
N HIS C 41 32.25 2.53 -29.27
CA HIS C 41 32.05 3.98 -29.22
C HIS C 41 31.38 4.39 -27.90
N ILE C 42 31.92 5.42 -27.28
CA ILE C 42 31.31 6.01 -26.11
C ILE C 42 31.56 7.52 -26.15
N SER C 43 30.51 8.28 -25.84
CA SER C 43 30.58 9.71 -25.94
C SER C 43 29.58 10.32 -24.99
N ASP C 44 29.86 11.56 -24.55
CA ASP C 44 28.90 12.30 -23.73
C ASP C 44 28.06 13.28 -24.53
N VAL C 45 28.11 13.17 -25.85
CA VAL C 45 27.22 13.95 -26.68
C VAL C 45 26.47 13.07 -27.66
N GLY C 46 25.46 13.61 -28.32
CA GLY C 46 24.61 12.80 -29.21
C GLY C 46 23.79 11.75 -28.48
N GLY C 47 23.41 10.70 -29.20
CA GLY C 47 22.37 9.83 -28.74
C GLY C 47 21.00 10.46 -28.84
N LYS C 48 19.99 9.64 -28.55
CA LYS C 48 18.58 9.99 -28.72
C LYS C 48 18.16 11.20 -27.86
N TYR C 49 18.84 11.44 -26.73
CA TYR C 49 18.48 12.59 -25.89
C TYR C 49 19.52 13.72 -25.95
N GLY C 50 20.57 13.50 -26.73
CA GLY C 50 21.64 14.44 -26.85
C GLY C 50 22.46 14.51 -25.59
N LYS C 51 22.42 13.46 -24.77
CA LYS C 51 23.13 13.47 -23.50
C LYS C 51 24.15 12.35 -23.44
N GLY C 52 24.48 11.79 -24.59
CA GLY C 52 25.53 10.78 -24.66
C GLY C 52 25.01 9.42 -25.13
N GLU C 53 25.92 8.57 -25.56
CA GLU C 53 25.55 7.23 -26.03
C GLU C 53 26.77 6.34 -26.02
N LEU C 54 26.50 5.04 -26.08
CA LEU C 54 27.52 4.01 -26.22
C LEU C 54 27.04 3.04 -27.27
N VAL C 55 27.99 2.48 -28.02
CA VAL C 55 27.77 1.32 -28.85
C VAL C 55 28.82 0.28 -28.43
N ALA C 56 28.37 -0.92 -28.13
CA ALA C 56 29.25 -1.99 -27.70
C ALA C 56 28.86 -3.32 -28.37
N GLU C 57 29.74 -4.32 -28.24
CA GLU C 57 29.59 -5.57 -28.95
C GLU C 57 29.92 -6.73 -28.04
N LEU C 58 29.20 -7.85 -28.19
CA LEU C 58 29.62 -9.18 -27.71
C LEU C 58 29.70 -10.17 -28.86
N ASP C 59 30.84 -10.83 -29.02
CA ASP C 59 30.95 -11.91 -29.99
C ASP C 59 30.22 -13.16 -29.50
N ILE C 60 29.48 -13.78 -30.41
CA ILE C 60 28.79 -15.01 -30.06
C ILE C 60 29.50 -16.19 -30.72
N ASN C 61 29.66 -17.27 -29.98
CA ASN C 61 29.92 -18.54 -30.62
C ASN C 61 29.19 -19.63 -29.86
N PRO C 62 29.11 -20.84 -30.44
CA PRO C 62 28.28 -21.89 -29.88
C PRO C 62 28.75 -22.38 -28.50
N ASP C 63 29.97 -22.03 -28.12
CA ASP C 63 30.57 -22.62 -26.93
C ASP C 63 30.42 -21.76 -25.68
N LEU C 64 29.85 -20.56 -25.80
CA LEU C 64 29.63 -19.70 -24.64
C LEU C 64 28.81 -20.47 -23.62
N TRP C 65 29.18 -20.36 -22.34
CA TRP C 65 28.68 -21.28 -21.32
C TRP C 65 27.17 -21.36 -21.20
N PHE C 66 26.47 -20.26 -21.42
CA PHE C 66 25.05 -20.21 -21.15
C PHE C 66 24.22 -20.99 -22.18
N PHE C 67 24.84 -21.35 -23.30
CA PHE C 67 24.09 -22.10 -24.32
C PHE C 67 23.86 -23.53 -23.88
N ALA C 68 24.81 -24.08 -23.11
CA ALA C 68 24.72 -25.48 -22.71
C ALA C 68 23.68 -25.71 -21.61
N CYS C 69 23.42 -24.72 -20.77
CA CYS C 69 22.45 -24.89 -19.68
C CYS C 69 21.11 -24.19 -19.93
N ASN C 70 21.05 -23.35 -20.95
CA ASN C 70 19.90 -22.47 -21.16
C ASN C 70 19.44 -22.52 -22.61
N PHE C 71 18.59 -23.47 -22.98
CA PHE C 71 18.19 -24.62 -22.16
C PHE C 71 18.85 -25.85 -22.73
N GLU C 72 18.85 -26.94 -21.98
CA GLU C 72 19.25 -28.22 -22.55
C GLU C 72 18.42 -28.65 -23.78
N GLY C 73 19.11 -28.89 -24.88
CA GLY C 73 18.47 -29.16 -26.18
C GLY C 73 17.73 -28.00 -26.85
N ASP C 74 17.88 -26.79 -26.31
CA ASP C 74 17.18 -25.62 -26.84
C ASP C 74 18.00 -24.39 -26.43
N PRO C 75 19.21 -24.27 -26.99
CA PRO C 75 20.14 -23.23 -26.58
C PRO C 75 19.64 -21.86 -27.01
N VAL C 76 19.63 -20.90 -26.09
CA VAL C 76 19.33 -19.53 -26.44
C VAL C 76 19.95 -18.67 -25.36
N MET C 77 20.58 -17.56 -25.75
CA MET C 77 21.15 -16.66 -24.77
C MET C 77 20.09 -16.16 -23.79
N PRO C 78 20.39 -16.22 -22.51
CA PRO C 78 19.44 -15.68 -21.56
C PRO C 78 19.18 -14.19 -21.81
N GLY C 79 17.91 -13.82 -21.84
CA GLY C 79 17.53 -12.41 -22.01
C GLY C 79 18.06 -11.53 -20.88
N CYS C 80 18.10 -12.09 -19.69
CA CYS C 80 18.60 -11.38 -18.56
C CYS C 80 20.08 -11.01 -18.68
N LEU C 81 20.90 -11.80 -19.36
CA LEU C 81 22.29 -11.41 -19.56
C LEU C 81 22.47 -10.25 -20.57
N GLY C 82 21.64 -10.22 -21.61
CA GLY C 82 21.60 -9.09 -22.56
C GLY C 82 21.12 -7.81 -21.91
N LEU C 83 20.20 -7.97 -20.96
CA LEU C 83 19.77 -6.87 -20.13
C LEU C 83 20.90 -6.44 -19.17
N ASP C 84 21.66 -7.39 -18.67
CA ASP C 84 22.75 -7.04 -17.76
C ASP C 84 23.85 -6.31 -18.49
N ALA C 85 24.09 -6.65 -19.75
CA ALA C 85 25.09 -5.93 -20.52
C ALA C 85 24.72 -4.47 -20.55
N MET C 86 23.43 -4.18 -20.64
CA MET C 86 22.98 -2.77 -20.68
C MET C 86 23.16 -2.05 -19.35
N TRP C 87 22.85 -2.68 -18.23
CA TRP C 87 23.22 -2.15 -16.94
C TRP C 87 24.76 -2.04 -16.77
N GLN C 88 25.48 -3.02 -17.29
CA GLN C 88 26.93 -2.97 -17.25
C GLN C 88 27.45 -1.75 -17.99
N LEU C 89 26.83 -1.41 -19.12
CA LEU C 89 27.32 -0.31 -19.92
C LEU C 89 27.02 1.01 -19.26
N VAL C 90 25.85 1.13 -18.64
CA VAL C 90 25.42 2.38 -18.07
C VAL C 90 26.30 2.70 -16.84
N GLY C 91 26.56 1.68 -16.02
CA GLY C 91 27.57 1.75 -14.94
C GLY C 91 28.94 2.21 -15.42
N PHE C 92 29.40 1.66 -16.53
CA PHE C 92 30.68 2.04 -17.06
C PHE C 92 30.69 3.52 -17.43
N TYR C 93 29.61 3.97 -18.06
CA TYR C 93 29.50 5.36 -18.47
C TYR C 93 29.68 6.28 -17.27
N LEU C 94 29.12 5.91 -16.14
CA LEU C 94 29.18 6.77 -14.97
C LEU C 94 30.63 6.88 -14.50
N GLY C 95 31.37 5.78 -14.60
CA GLY C 95 32.76 5.77 -14.20
C GLY C 95 33.57 6.58 -15.18
N TRP C 96 33.27 6.39 -16.45
CA TRP C 96 33.95 7.05 -17.56
C TRP C 96 33.81 8.57 -17.53
N GLN C 97 32.64 9.03 -17.09
CA GLN C 97 32.40 10.46 -16.93
C GLN C 97 33.30 11.06 -15.86
N GLY C 98 33.82 10.22 -14.96
CA GLY C 98 34.63 10.68 -13.84
C GLY C 98 33.92 10.67 -12.49
N ASN C 99 32.89 9.85 -12.34
CA ASN C 99 32.23 9.73 -11.02
C ASN C 99 32.88 8.62 -10.22
N PRO C 100 33.10 8.82 -8.90
CA PRO C 100 33.61 7.75 -8.03
C PRO C 100 32.50 6.82 -7.56
N GLY C 101 32.88 5.63 -7.11
CA GLY C 101 31.94 4.74 -6.44
C GLY C 101 31.80 3.41 -7.19
N ARG C 102 31.32 2.39 -6.48
CA ARG C 102 31.08 1.07 -7.09
C ARG C 102 29.63 0.98 -7.55
N GLY C 103 29.43 0.23 -8.64
CA GLY C 103 28.13 0.18 -9.29
C GLY C 103 27.16 -0.78 -8.62
N ARG C 104 25.90 -0.36 -8.63
CA ARG C 104 24.73 -1.20 -8.40
C ARG C 104 23.61 -0.77 -9.38
N ALA C 105 23.23 -1.69 -10.26
CA ALA C 105 21.99 -1.61 -11.02
C ALA C 105 20.84 -1.27 -10.08
N LEU C 106 19.96 -0.35 -10.46
CA LEU C 106 18.81 -0.06 -9.63
C LEU C 106 17.46 -0.45 -10.28
N GLY C 107 17.47 -0.79 -11.55
CA GLY C 107 16.27 -1.31 -12.18
C GLY C 107 16.08 -0.77 -13.57
N SER C 108 14.84 -0.83 -14.05
CA SER C 108 14.45 -0.26 -15.34
C SER C 108 12.94 -0.06 -15.39
N GLY C 109 12.49 0.73 -16.36
CA GLY C 109 11.08 0.68 -16.84
C GLY C 109 10.95 -0.43 -17.88
N GLU C 110 9.94 -0.39 -18.69
CA GLU C 110 9.71 -1.48 -19.64
C GLU C 110 10.97 -2.16 -20.21
N VAL C 111 11.01 -3.49 -20.13
CA VAL C 111 11.97 -4.33 -20.85
C VAL C 111 11.16 -5.22 -21.79
N LYS C 112 11.61 -5.35 -23.03
CA LYS C 112 10.95 -6.23 -24.01
C LYS C 112 11.99 -7.11 -24.71
N PHE C 113 11.70 -8.41 -24.77
CA PHE C 113 12.48 -9.36 -25.53
C PHE C 113 11.60 -9.85 -26.67
N PHE C 114 11.97 -9.51 -27.89
CA PHE C 114 11.16 -9.80 -29.07
C PHE C 114 11.99 -10.48 -30.17
N GLY C 115 13.12 -11.06 -29.81
CA GLY C 115 13.91 -11.88 -30.73
C GLY C 115 14.91 -12.60 -29.85
N GLN C 116 15.71 -13.48 -30.42
CA GLN C 116 16.55 -14.34 -29.60
C GLN C 116 17.96 -14.41 -30.21
N VAL C 117 18.93 -14.68 -29.35
CA VAL C 117 20.29 -14.94 -29.80
C VAL C 117 20.52 -16.43 -29.73
N LEU C 118 20.79 -17.02 -30.89
CA LEU C 118 21.05 -18.41 -31.02
C LEU C 118 22.56 -18.59 -31.09
N PRO C 119 23.04 -19.83 -30.89
CA PRO C 119 24.47 -20.12 -30.92
C PRO C 119 25.08 -20.06 -32.32
N THR C 120 24.25 -19.84 -33.33
CA THR C 120 24.72 -19.69 -34.70
C THR C 120 24.96 -18.22 -35.00
N ALA C 121 24.54 -17.34 -34.10
CA ALA C 121 24.77 -15.88 -34.24
C ALA C 121 26.25 -15.53 -34.22
N LYS C 122 26.59 -14.38 -34.81
CA LYS C 122 27.98 -13.95 -34.85
C LYS C 122 28.26 -12.80 -33.91
N LYS C 123 27.38 -11.82 -33.85
CA LYS C 123 27.66 -10.63 -33.02
C LYS C 123 26.41 -9.94 -32.50
N VAL C 124 26.40 -9.69 -31.20
CA VAL C 124 25.39 -8.86 -30.54
C VAL C 124 25.91 -7.43 -30.39
N THR C 125 25.06 -6.45 -30.70
CA THR C 125 25.42 -5.03 -30.63
C THR C 125 24.43 -4.34 -29.67
N TYR C 126 25.00 -3.70 -28.64
CA TYR C 126 24.26 -2.85 -27.72
C TYR C 126 24.32 -1.38 -28.13
N ASN C 127 23.17 -0.71 -28.12
CA ASN C 127 23.10 0.73 -28.22
C ASN C 127 22.51 1.34 -26.96
N ILE C 128 23.23 2.24 -26.30
CA ILE C 128 22.75 2.86 -25.08
C ILE C 128 22.62 4.35 -25.31
N HIS C 129 21.48 4.90 -24.92
CA HIS C 129 21.22 6.33 -25.02
C HIS C 129 21.04 6.88 -23.61
N ILE C 130 21.97 7.74 -23.18
CA ILE C 130 21.91 8.33 -21.86
C ILE C 130 20.82 9.37 -21.83
N LYS C 131 19.87 9.21 -20.92
CA LYS C 131 18.78 10.14 -20.78
C LYS C 131 19.08 11.27 -19.80
N ARG C 132 19.80 10.96 -18.73
CA ARG C 132 19.96 11.92 -17.63
C ARG C 132 20.98 11.35 -16.66
N THR C 133 21.94 12.17 -16.25
CA THR C 133 22.81 11.81 -15.14
C THR C 133 22.76 12.86 -14.03
N ILE C 134 22.80 12.38 -12.78
CA ILE C 134 23.04 13.21 -11.59
C ILE C 134 24.39 12.87 -11.00
N ASN C 135 25.04 13.87 -10.42
CA ASN C 135 26.25 13.63 -9.61
C ASN C 135 26.45 14.62 -8.46
N ARG C 136 25.59 15.63 -8.39
CA ARG C 136 25.29 16.31 -7.13
C ARG C 136 24.52 15.32 -6.25
N SER C 137 25.14 14.97 -5.12
CA SER C 137 24.56 14.06 -4.15
C SER C 137 24.81 12.59 -4.53
N LEU C 138 23.74 11.87 -4.81
CA LEU C 138 23.85 10.53 -5.35
C LEU C 138 24.36 10.56 -6.80
N VAL C 139 25.01 9.50 -7.24
CA VAL C 139 25.49 9.39 -8.59
C VAL C 139 24.56 8.42 -9.34
N LEU C 140 23.85 8.91 -10.35
CA LEU C 140 22.80 8.12 -10.99
C LEU C 140 22.70 8.42 -12.47
N ALA C 141 22.61 7.35 -13.26
CA ALA C 141 22.32 7.43 -14.68
C ALA C 141 20.99 6.77 -15.01
N ILE C 142 20.22 7.43 -15.89
CA ILE C 142 19.06 6.84 -16.51
C ILE C 142 19.33 6.79 -18.00
N ALA C 143 18.96 5.67 -18.64
CA ALA C 143 19.28 5.42 -20.05
C ALA C 143 18.24 4.51 -20.68
N ASP C 144 18.08 4.61 -21.99
CA ASP C 144 17.32 3.64 -22.79
C ASP C 144 18.34 2.80 -23.52
N GLY C 145 18.02 1.55 -23.83
CA GLY C 145 18.91 0.70 -24.61
C GLY C 145 18.21 -0.27 -25.56
N THR C 146 18.97 -0.71 -26.56
CA THR C 146 18.56 -1.78 -27.46
C THR C 146 19.67 -2.84 -27.65
N VAL C 147 19.22 -4.05 -27.91
CA VAL C 147 20.11 -5.15 -28.24
C VAL C 147 19.70 -5.64 -29.62
N SER C 148 20.70 -5.79 -30.47
CA SER C 148 20.55 -6.27 -31.82
C SER C 148 21.52 -7.43 -32.05
N VAL C 149 21.09 -8.41 -32.85
CA VAL C 149 21.95 -9.52 -33.20
C VAL C 149 22.07 -9.58 -34.72
N ASP C 150 23.30 -9.47 -35.21
CA ASP C 150 23.59 -9.46 -36.63
C ASP C 150 22.63 -8.60 -37.45
N GLY C 151 22.40 -7.36 -37.00
CA GLY C 151 21.64 -6.40 -37.80
C GLY C 151 20.19 -6.24 -37.33
N ARG C 152 19.73 -7.19 -36.52
CA ARG C 152 18.32 -7.29 -36.22
C ARG C 152 18.06 -6.87 -34.77
N GLU C 153 17.23 -5.85 -34.56
CA GLU C 153 16.84 -5.47 -33.21
C GLU C 153 16.07 -6.62 -32.52
N ILE C 154 16.49 -7.00 -31.32
CA ILE C 154 15.76 -8.07 -30.62
C ILE C 154 15.29 -7.75 -29.19
N TYR C 155 15.99 -6.84 -28.49
CA TYR C 155 15.51 -6.36 -27.19
C TYR C 155 15.50 -4.84 -27.11
N SER C 156 14.70 -4.32 -26.18
CA SER C 156 14.76 -2.92 -25.78
C SER C 156 14.56 -2.80 -24.25
N ALA C 157 15.11 -1.74 -23.66
CA ALA C 157 14.88 -1.42 -22.26
C ALA C 157 14.74 0.08 -22.17
N GLU C 158 13.68 0.53 -21.49
CA GLU C 158 13.52 1.95 -21.23
C GLU C 158 13.78 2.23 -19.76
N GLY C 159 14.51 3.31 -19.47
CA GLY C 159 14.67 3.77 -18.09
C GLY C 159 15.52 2.83 -17.25
N LEU C 160 16.55 2.26 -17.87
CA LEU C 160 17.66 1.65 -17.17
C LEU C 160 18.20 2.64 -16.14
N ARG C 161 18.36 2.20 -14.91
CA ARG C 161 18.90 3.02 -13.85
C ARG C 161 20.07 2.28 -13.19
N VAL C 162 21.21 2.94 -13.13
CA VAL C 162 22.37 2.46 -12.39
C VAL C 162 22.93 3.58 -11.50
N GLY C 163 23.39 3.20 -10.32
CA GLY C 163 23.99 4.15 -9.37
C GLY C 163 25.44 3.77 -9.11
N LEU C 164 26.25 4.75 -8.76
CA LEU C 164 27.57 4.46 -8.17
C LEU C 164 27.56 4.89 -6.70
N PHE C 165 28.21 4.10 -5.85
CA PHE C 165 28.14 4.28 -4.41
C PHE C 165 29.52 4.11 -3.78
N THR C 166 29.91 5.08 -2.97
CA THR C 166 31.16 5.00 -2.28
C THR C 166 31.00 4.14 -1.02
N SER C 167 29.76 3.90 -0.61
CA SER C 167 29.44 2.89 0.39
C SER C 167 28.20 2.10 -0.01
N THR C 168 28.23 0.79 0.10
CA THR C 168 27.09 -0.03 -0.34
C THR C 168 26.45 -0.77 0.85
N ASP C 169 26.64 -0.23 2.06
CA ASP C 169 25.98 -0.77 3.27
C ASP C 169 24.51 -0.31 3.46
N SER C 170 24.05 0.59 2.60
CA SER C 170 22.62 0.93 2.61
C SER C 170 21.80 -0.17 1.93
N PHE C 171 22.42 -0.92 1.01
CA PHE C 171 21.72 -2.02 0.31
C PHE C 171 21.61 -3.27 1.20
N THR D 2 -0.87 -29.72 -12.54
CA THR D 2 -1.65 -28.82 -11.66
C THR D 2 -2.10 -29.59 -10.40
N LYS D 3 -1.20 -30.43 -9.86
CA LYS D 3 -1.58 -31.33 -8.75
C LYS D 3 -0.49 -31.45 -7.68
N GLN D 4 0.77 -31.38 -8.07
CA GLN D 4 1.85 -31.32 -7.11
C GLN D 4 2.12 -29.87 -6.71
N HIS D 5 2.25 -29.60 -5.42
CA HIS D 5 2.30 -28.21 -4.96
C HIS D 5 3.65 -27.75 -4.41
N ALA D 6 4.59 -28.66 -4.31
CA ALA D 6 5.95 -28.34 -3.84
C ALA D 6 6.89 -29.14 -4.72
N PHE D 7 8.07 -28.59 -4.99
CA PHE D 7 9.07 -29.26 -5.86
C PHE D 7 10.48 -29.10 -5.27
N THR D 8 11.19 -30.21 -5.16
CA THR D 8 12.52 -30.26 -4.59
C THR D 8 13.55 -29.87 -5.67
N ARG D 9 14.78 -29.62 -5.29
CA ARG D 9 15.84 -29.37 -6.28
C ARG D 9 15.91 -30.48 -7.32
N GLU D 10 15.85 -31.74 -6.88
CA GLU D 10 15.90 -32.83 -7.85
C GLU D 10 14.76 -32.78 -8.88
N ASP D 11 13.55 -32.44 -8.44
CA ASP D 11 12.45 -32.25 -9.38
C ASP D 11 12.75 -31.10 -10.36
N LEU D 12 13.36 -30.02 -9.86
CA LEU D 12 13.69 -28.89 -10.71
C LEU D 12 14.80 -29.27 -11.71
N LEU D 13 15.76 -30.09 -11.27
CA LEU D 13 16.79 -30.59 -12.22
C LEU D 13 16.17 -31.53 -13.27
N ARG D 14 15.25 -32.39 -12.86
CA ARG D 14 14.48 -33.19 -13.82
C ARG D 14 13.77 -32.29 -14.83
N CYS D 15 13.23 -31.17 -14.35
CA CYS D 15 12.52 -30.26 -15.22
C CYS D 15 13.46 -29.62 -16.24
N SER D 16 14.66 -29.26 -15.79
CA SER D 16 15.71 -28.77 -16.70
C SER D 16 16.09 -29.76 -17.82
N ARG D 17 15.81 -31.04 -17.64
CA ARG D 17 16.18 -32.03 -18.65
C ARG D 17 15.01 -32.34 -19.57
N GLY D 18 13.87 -31.71 -19.32
CA GLY D 18 12.67 -31.94 -20.14
C GLY D 18 11.82 -33.10 -19.66
N GLU D 19 12.12 -33.60 -18.46
CA GLU D 19 11.51 -34.83 -17.95
C GLU D 19 10.35 -34.58 -16.97
N LEU D 20 10.11 -33.34 -16.58
CA LEU D 20 8.90 -33.05 -15.81
C LEU D 20 7.71 -32.79 -16.73
N PHE D 21 7.83 -31.86 -17.68
CA PHE D 21 6.70 -31.51 -18.50
C PHE D 21 6.71 -32.17 -19.88
N GLY D 22 7.81 -32.88 -20.17
CA GLY D 22 7.93 -33.70 -21.38
C GLY D 22 8.75 -33.00 -22.44
N PRO D 23 9.25 -33.74 -23.43
CA PRO D 23 10.02 -33.13 -24.52
C PRO D 23 9.21 -32.12 -25.33
N GLY D 24 9.82 -30.98 -25.62
CA GLY D 24 9.17 -29.93 -26.43
C GLY D 24 8.45 -28.97 -25.53
N ASN D 25 8.41 -29.26 -24.24
CA ASN D 25 7.63 -28.47 -23.32
C ASN D 25 8.55 -27.69 -22.35
N ALA D 26 7.95 -27.00 -21.39
CA ALA D 26 8.65 -25.95 -20.67
C ALA D 26 9.80 -26.58 -19.88
N GLN D 27 10.97 -25.93 -19.94
CA GLN D 27 12.14 -26.38 -19.20
C GLN D 27 12.62 -25.24 -18.33
N LEU D 28 13.11 -25.58 -17.14
CA LEU D 28 13.94 -24.64 -16.42
C LEU D 28 15.32 -24.66 -17.05
N PRO D 29 16.09 -23.60 -16.87
CA PRO D 29 17.52 -23.71 -17.18
C PRO D 29 18.18 -24.69 -16.22
N ALA D 30 19.23 -25.34 -16.67
CA ALA D 30 20.11 -26.09 -15.76
C ALA D 30 21.12 -25.16 -15.06
N PRO D 31 21.76 -25.64 -13.98
CA PRO D 31 22.95 -24.90 -13.49
C PRO D 31 24.01 -24.66 -14.60
N ASN D 32 24.62 -23.49 -14.67
CA ASN D 32 24.57 -22.50 -13.61
C ASN D 32 23.57 -21.37 -13.81
N MET D 33 22.73 -21.41 -14.84
CA MET D 33 21.66 -20.42 -15.00
C MET D 33 20.44 -20.66 -14.10
N LEU D 34 20.21 -21.88 -13.62
CA LEU D 34 19.10 -22.14 -12.67
C LEU D 34 19.30 -21.32 -11.40
N MET D 35 18.24 -20.62 -10.97
CA MET D 35 18.33 -19.70 -9.84
C MET D 35 17.33 -20.02 -8.74
N ILE D 36 16.82 -21.26 -8.79
CA ILE D 36 15.86 -21.79 -7.81
C ILE D 36 16.38 -23.13 -7.32
N ASP D 37 16.42 -23.31 -6.01
CA ASP D 37 16.63 -24.62 -5.36
C ASP D 37 15.33 -25.38 -5.13
N ARG D 38 14.25 -24.70 -4.78
CA ARG D 38 13.04 -25.41 -4.43
C ARG D 38 11.81 -24.54 -4.60
N ILE D 39 10.73 -25.14 -5.08
CA ILE D 39 9.45 -24.44 -5.07
C ILE D 39 8.72 -24.91 -3.82
N VAL D 40 8.47 -23.98 -2.88
CA VAL D 40 7.86 -24.34 -1.62
C VAL D 40 6.35 -24.40 -1.79
N HIS D 41 5.80 -23.57 -2.66
CA HIS D 41 4.37 -23.57 -2.90
C HIS D 41 4.05 -23.03 -4.28
N ILE D 42 3.12 -23.69 -4.95
CA ILE D 42 2.62 -23.24 -6.24
C ILE D 42 1.14 -23.58 -6.28
N SER D 43 0.32 -22.60 -6.62
CA SER D 43 -1.13 -22.78 -6.65
C SER D 43 -1.72 -21.95 -7.78
N ASP D 44 -2.86 -22.37 -8.30
CA ASP D 44 -3.53 -21.58 -9.32
C ASP D 44 -4.64 -20.70 -8.75
N VAL D 45 -4.73 -20.67 -7.43
CA VAL D 45 -5.58 -19.71 -6.74
C VAL D 45 -4.74 -18.88 -5.75
N GLY D 46 -5.37 -17.85 -5.18
CA GLY D 46 -4.69 -17.01 -4.20
C GLY D 46 -3.73 -16.04 -4.84
N GLY D 47 -2.78 -15.57 -4.04
CA GLY D 47 -1.92 -14.48 -4.42
C GLY D 47 -2.66 -13.16 -4.55
N LYS D 48 -1.87 -12.14 -4.87
CA LYS D 48 -2.30 -10.74 -4.84
C LYS D 48 -3.49 -10.47 -5.76
N TYR D 49 -3.57 -11.18 -6.87
CA TYR D 49 -4.70 -11.04 -7.78
C TYR D 49 -5.72 -12.14 -7.64
N GLY D 50 -5.47 -13.10 -6.76
CA GLY D 50 -6.36 -14.26 -6.66
C GLY D 50 -6.32 -15.15 -7.89
N LYS D 51 -5.25 -15.07 -8.67
CA LYS D 51 -5.20 -15.84 -9.89
C LYS D 51 -4.00 -16.78 -9.89
N GLY D 52 -3.45 -17.04 -8.70
CA GLY D 52 -2.31 -17.93 -8.55
C GLY D 52 -1.11 -17.28 -7.90
N GLU D 53 -0.26 -18.11 -7.30
CA GLU D 53 1.01 -17.67 -6.72
C GLU D 53 2.03 -18.80 -6.63
N LEU D 54 3.30 -18.41 -6.64
CA LEU D 54 4.40 -19.30 -6.28
C LEU D 54 5.22 -18.66 -5.16
N VAL D 55 5.68 -19.49 -4.24
CA VAL D 55 6.77 -19.15 -3.34
C VAL D 55 7.97 -20.10 -3.58
N ALA D 56 9.16 -19.55 -3.83
CA ALA D 56 10.31 -20.37 -4.19
C ALA D 56 11.56 -19.82 -3.49
N GLU D 57 12.56 -20.67 -3.31
CA GLU D 57 13.75 -20.34 -2.54
C GLU D 57 15.02 -20.66 -3.32
N LEU D 58 16.04 -19.83 -3.10
CA LEU D 58 17.43 -20.15 -3.42
C LEU D 58 18.30 -20.07 -2.16
N ASP D 59 19.03 -21.13 -1.86
CA ASP D 59 19.96 -21.10 -0.72
C ASP D 59 21.22 -20.34 -1.12
N ILE D 60 21.73 -19.51 -0.22
CA ILE D 60 22.90 -18.71 -0.54
C ILE D 60 24.05 -19.27 0.26
N ASN D 61 25.19 -19.45 -0.40
CA ASN D 61 26.44 -19.62 0.34
C ASN D 61 27.53 -18.84 -0.39
N PRO D 62 28.68 -18.64 0.25
CA PRO D 62 29.71 -17.80 -0.34
C PRO D 62 30.41 -18.40 -1.54
N ASP D 63 30.20 -19.69 -1.82
CA ASP D 63 30.86 -20.30 -2.95
C ASP D 63 30.03 -20.31 -4.22
N LEU D 64 28.87 -19.70 -4.22
CA LEU D 64 28.14 -19.63 -5.48
C LEU D 64 28.97 -18.88 -6.50
N TRP D 65 28.90 -19.35 -7.74
CA TRP D 65 29.91 -19.02 -8.77
C TRP D 65 29.94 -17.52 -9.06
N PHE D 66 28.77 -16.87 -9.00
CA PHE D 66 28.64 -15.49 -9.42
C PHE D 66 29.27 -14.46 -8.46
N PHE D 67 29.48 -14.87 -7.22
CA PHE D 67 30.13 -14.02 -6.23
C PHE D 67 31.59 -13.69 -6.56
N ALA D 68 32.32 -14.65 -7.13
CA ALA D 68 33.73 -14.41 -7.42
C ALA D 68 33.92 -13.36 -8.52
N CYS D 69 33.03 -13.39 -9.52
CA CYS D 69 33.18 -12.53 -10.68
C CYS D 69 32.33 -11.26 -10.64
N ASN D 70 31.40 -11.15 -9.67
CA ASN D 70 30.45 -10.04 -9.63
C ASN D 70 30.32 -9.47 -8.22
N PHE D 71 31.15 -8.49 -7.87
CA PHE D 71 32.33 -8.14 -8.61
C PHE D 71 33.51 -8.66 -7.83
N GLU D 72 34.67 -8.70 -8.46
CA GLU D 72 35.95 -9.01 -7.80
C GLU D 72 36.26 -8.06 -6.66
N GLY D 73 36.38 -8.62 -5.46
CA GLY D 73 36.57 -7.85 -4.22
C GLY D 73 35.31 -7.22 -3.66
N ASP D 74 34.19 -7.31 -4.39
CA ASP D 74 32.92 -6.68 -3.96
C ASP D 74 31.76 -7.59 -4.39
N PRO D 75 31.62 -8.75 -3.71
CA PRO D 75 30.67 -9.76 -4.14
C PRO D 75 29.25 -9.34 -3.88
N VAL D 76 28.39 -9.56 -4.88
CA VAL D 76 26.99 -9.28 -4.74
C VAL D 76 26.22 -10.04 -5.83
N MET D 77 25.11 -10.65 -5.48
CA MET D 77 24.35 -11.36 -6.51
C MET D 77 23.95 -10.42 -7.64
N PRO D 78 24.16 -10.85 -8.89
CA PRO D 78 23.64 -10.06 -10.00
C PRO D 78 22.14 -9.91 -9.90
N GLY D 79 21.67 -8.68 -9.89
CA GLY D 79 20.22 -8.43 -9.95
C GLY D 79 19.58 -9.13 -11.14
N CYS D 80 20.33 -9.24 -12.23
CA CYS D 80 19.80 -9.83 -13.43
C CYS D 80 19.48 -11.31 -13.26
N LEU D 81 20.18 -12.00 -12.37
CA LEU D 81 19.89 -13.39 -12.09
C LEU D 81 18.71 -13.58 -11.17
N GLY D 82 18.51 -12.65 -10.25
CA GLY D 82 17.32 -12.65 -9.41
C GLY D 82 16.05 -12.39 -10.19
N LEU D 83 16.14 -11.45 -11.12
CA LEU D 83 15.09 -11.21 -12.09
C LEU D 83 14.82 -12.47 -12.89
N ASP D 84 15.87 -13.09 -13.40
CA ASP D 84 15.67 -14.30 -14.19
C ASP D 84 14.97 -15.38 -13.41
N ALA D 85 15.22 -15.45 -12.11
CA ALA D 85 14.53 -16.44 -11.27
C ALA D 85 13.03 -16.24 -11.35
N MET D 86 12.59 -14.98 -11.49
CA MET D 86 11.17 -14.68 -11.50
C MET D 86 10.60 -15.02 -12.86
N TRP D 87 11.40 -14.85 -13.92
CA TRP D 87 11.00 -15.33 -15.25
C TRP D 87 10.98 -16.85 -15.31
N GLN D 88 11.96 -17.48 -14.67
CA GLN D 88 12.04 -18.94 -14.62
C GLN D 88 10.80 -19.51 -13.91
N LEU D 89 10.37 -18.86 -12.84
CA LEU D 89 9.23 -19.34 -12.09
C LEU D 89 7.93 -19.16 -12.86
N VAL D 90 7.77 -18.02 -13.56
CA VAL D 90 6.56 -17.75 -14.32
C VAL D 90 6.41 -18.73 -15.48
N GLY D 91 7.49 -18.99 -16.20
CA GLY D 91 7.58 -20.14 -17.12
C GLY D 91 7.22 -21.49 -16.54
N PHE D 92 7.81 -21.86 -15.41
CA PHE D 92 7.41 -23.08 -14.70
C PHE D 92 5.89 -23.12 -14.48
N TYR D 93 5.29 -22.00 -14.08
CA TYR D 93 3.86 -21.99 -13.77
C TYR D 93 3.06 -22.31 -15.06
N LEU D 94 3.49 -21.77 -16.20
CA LEU D 94 2.80 -22.07 -17.46
C LEU D 94 2.90 -23.56 -17.77
N GLY D 95 4.05 -24.16 -17.51
CA GLY D 95 4.25 -25.59 -17.78
C GLY D 95 3.41 -26.40 -16.82
N TRP D 96 3.43 -26.01 -15.55
CA TRP D 96 2.67 -26.65 -14.46
C TRP D 96 1.17 -26.67 -14.75
N GLN D 97 0.67 -25.66 -15.44
CA GLN D 97 -0.75 -25.60 -15.79
C GLN D 97 -1.12 -26.58 -16.88
N GLY D 98 -0.13 -27.16 -17.56
CA GLY D 98 -0.39 -28.18 -18.56
C GLY D 98 -0.15 -27.73 -20.00
N ASN D 99 0.25 -26.49 -20.18
CA ASN D 99 0.37 -25.94 -21.53
C ASN D 99 1.58 -26.55 -22.23
N PRO D 100 1.48 -26.79 -23.54
CA PRO D 100 2.61 -27.27 -24.33
C PRO D 100 3.55 -26.14 -24.74
N GLY D 101 4.80 -26.46 -25.04
CA GLY D 101 5.69 -25.53 -25.74
C GLY D 101 6.83 -25.02 -24.87
N ARG D 102 7.84 -24.43 -25.51
CA ARG D 102 9.06 -24.05 -24.81
C ARG D 102 9.00 -22.61 -24.35
N GLY D 103 9.66 -22.30 -23.24
CA GLY D 103 9.51 -20.99 -22.60
C GLY D 103 10.42 -19.94 -23.22
N ARG D 104 9.94 -18.71 -23.27
CA ARG D 104 10.79 -17.53 -23.54
C ARG D 104 10.25 -16.35 -22.73
N ALA D 105 11.09 -15.75 -21.89
CA ALA D 105 10.78 -14.45 -21.28
C ALA D 105 10.49 -13.44 -22.36
N LEU D 106 9.47 -12.60 -22.15
CA LEU D 106 9.15 -11.57 -23.13
C LEU D 106 9.41 -10.17 -22.57
N GLY D 107 9.63 -10.08 -21.27
CA GLY D 107 9.98 -8.78 -20.68
C GLY D 107 9.32 -8.49 -19.34
N SER D 108 9.27 -7.23 -18.98
CA SER D 108 8.56 -6.84 -17.78
C SER D 108 8.30 -5.38 -17.84
N GLY D 109 7.38 -4.93 -16.99
CA GLY D 109 7.30 -3.51 -16.67
C GLY D 109 8.42 -3.22 -15.68
N GLU D 110 8.09 -2.50 -14.64
CA GLU D 110 9.08 -1.87 -13.80
C GLU D 110 9.85 -2.91 -12.98
N VAL D 111 11.18 -2.85 -13.07
CA VAL D 111 12.07 -3.63 -12.20
C VAL D 111 12.76 -2.67 -11.23
N LYS D 112 12.78 -3.01 -9.93
CA LYS D 112 13.47 -2.18 -8.93
C LYS D 112 14.39 -3.08 -8.11
N PHE D 113 15.67 -2.71 -8.03
CA PHE D 113 16.58 -3.32 -7.06
C PHE D 113 16.98 -2.31 -5.98
N PHE D 114 16.51 -2.55 -4.77
CA PHE D 114 16.67 -1.60 -3.68
C PHE D 114 17.33 -2.24 -2.46
N GLY D 115 17.88 -3.43 -2.66
CA GLY D 115 18.78 -4.03 -1.72
C GLY D 115 19.54 -5.12 -2.42
N GLN D 116 20.42 -5.79 -1.70
CA GLN D 116 21.39 -6.69 -2.33
C GLN D 116 21.56 -8.00 -1.55
N VAL D 117 21.97 -9.04 -2.28
CA VAL D 117 22.28 -10.32 -1.69
C VAL D 117 23.80 -10.48 -1.65
N LEU D 118 24.32 -10.49 -0.43
CA LEU D 118 25.74 -10.66 -0.16
C LEU D 118 26.01 -12.13 0.14
N PRO D 119 27.27 -12.57 0.00
CA PRO D 119 27.62 -13.99 0.20
C PRO D 119 27.47 -14.48 1.64
N THR D 120 27.17 -13.59 2.57
CA THR D 120 26.87 -13.97 3.95
C THR D 120 25.36 -14.22 4.19
N ALA D 121 24.50 -13.88 3.23
CA ALA D 121 23.05 -14.23 3.32
C ALA D 121 22.84 -15.75 3.39
N LYS D 122 21.70 -16.16 3.94
CA LYS D 122 21.41 -17.58 4.03
C LYS D 122 20.44 -18.05 2.97
N LYS D 123 19.41 -17.26 2.64
CA LYS D 123 18.30 -17.73 1.78
C LYS D 123 17.53 -16.62 1.07
N VAL D 124 17.49 -16.72 -0.26
CA VAL D 124 16.65 -15.84 -1.07
C VAL D 124 15.25 -16.46 -1.28
N THR D 125 14.21 -15.67 -1.03
CA THR D 125 12.84 -16.10 -1.27
C THR D 125 12.20 -15.29 -2.36
N TYR D 126 11.61 -16.02 -3.29
CA TYR D 126 10.85 -15.43 -4.39
C TYR D 126 9.37 -15.56 -4.14
N ASN D 127 8.62 -14.45 -4.31
CA ASN D 127 7.16 -14.47 -4.36
C ASN D 127 6.69 -14.04 -5.73
N ILE D 128 5.85 -14.86 -6.37
CA ILE D 128 5.27 -14.55 -7.67
C ILE D 128 3.76 -14.56 -7.52
N HIS D 129 3.12 -13.48 -7.98
CA HIS D 129 1.68 -13.39 -8.05
C HIS D 129 1.27 -13.34 -9.51
N ILE D 130 0.61 -14.39 -9.98
CA ILE D 130 0.11 -14.47 -11.34
C ILE D 130 -1.01 -13.44 -11.44
N LYS D 131 -0.93 -12.62 -12.48
CA LYS D 131 -1.88 -11.57 -12.76
C LYS D 131 -2.90 -11.99 -13.81
N ARG D 132 -2.41 -12.61 -14.88
CA ARG D 132 -3.27 -13.00 -16.00
C ARG D 132 -2.56 -14.10 -16.78
N THR D 133 -3.31 -15.12 -17.19
CA THR D 133 -2.80 -16.08 -18.18
C THR D 133 -3.72 -16.15 -19.41
N ILE D 134 -3.12 -16.18 -20.59
CA ILE D 134 -3.84 -16.57 -21.79
C ILE D 134 -3.41 -17.96 -22.27
N ASN D 135 -4.39 -18.84 -22.49
CA ASN D 135 -4.12 -20.24 -22.88
C ASN D 135 -4.85 -20.59 -24.19
N ARG D 136 -5.49 -19.59 -24.79
CA ARG D 136 -5.99 -19.69 -26.16
C ARG D 136 -5.16 -18.78 -27.08
N SER D 137 -5.02 -19.23 -28.33
CA SER D 137 -3.95 -18.78 -29.23
C SER D 137 -2.58 -18.78 -28.53
N LEU D 138 -1.91 -17.62 -28.49
CA LEU D 138 -0.72 -17.41 -27.63
C LEU D 138 -0.88 -18.01 -26.24
N VAL D 139 0.15 -18.69 -25.74
CA VAL D 139 0.21 -19.04 -24.34
C VAL D 139 1.12 -18.06 -23.58
N LEU D 140 0.54 -17.24 -22.70
CA LEU D 140 1.22 -16.13 -22.07
C LEU D 140 0.83 -16.00 -20.59
N ALA D 141 1.81 -15.75 -19.73
CA ALA D 141 1.55 -15.36 -18.35
C ALA D 141 2.11 -13.97 -18.04
N ILE D 142 1.30 -13.18 -17.35
CA ILE D 142 1.72 -11.92 -16.78
C ILE D 142 1.66 -12.02 -15.25
N ALA D 143 2.73 -11.56 -14.58
CA ALA D 143 2.91 -11.76 -13.16
C ALA D 143 3.63 -10.57 -12.53
N ASP D 144 3.42 -10.35 -11.24
CA ASP D 144 4.34 -9.53 -10.43
C ASP D 144 5.20 -10.42 -9.53
N GLY D 145 6.37 -9.94 -9.18
CA GLY D 145 7.24 -10.72 -8.28
C GLY D 145 8.02 -9.85 -7.33
N THR D 146 8.46 -10.47 -6.23
CA THR D 146 9.38 -9.83 -5.28
C THR D 146 10.47 -10.83 -4.96
N VAL D 147 11.64 -10.30 -4.65
CA VAL D 147 12.72 -11.06 -4.11
C VAL D 147 13.06 -10.51 -2.74
N SER D 148 13.23 -11.42 -1.78
CA SER D 148 13.59 -11.14 -0.40
C SER D 148 14.82 -11.92 -0.04
N VAL D 149 15.56 -11.39 0.93
CA VAL D 149 16.70 -12.12 1.41
C VAL D 149 16.66 -12.12 2.90
N ASP D 150 16.59 -13.32 3.47
CA ASP D 150 16.49 -13.50 4.92
C ASP D 150 15.44 -12.57 5.54
N GLY D 151 14.25 -12.55 4.94
CA GLY D 151 13.13 -11.78 5.50
C GLY D 151 12.96 -10.38 4.94
N ARG D 152 14.02 -9.82 4.38
CA ARG D 152 14.01 -8.44 3.90
C ARG D 152 13.65 -8.36 2.42
N GLU D 153 12.69 -7.50 2.06
CA GLU D 153 12.36 -7.28 0.64
C GLU D 153 13.42 -6.47 -0.09
N ILE D 154 13.93 -6.97 -1.22
CA ILE D 154 15.03 -6.30 -1.87
C ILE D 154 14.79 -5.95 -3.34
N TYR D 155 14.09 -6.82 -4.08
CA TYR D 155 13.76 -6.53 -5.48
C TYR D 155 12.25 -6.62 -5.71
N SER D 156 11.79 -5.90 -6.71
CA SER D 156 10.45 -6.07 -7.25
C SER D 156 10.47 -5.99 -8.78
N ALA D 157 9.52 -6.71 -9.38
CA ALA D 157 9.20 -6.62 -10.80
C ALA D 157 7.68 -6.59 -10.96
N GLU D 158 7.20 -5.68 -11.80
CA GLU D 158 5.81 -5.70 -12.22
C GLU D 158 5.74 -6.12 -13.66
N GLY D 159 4.67 -6.84 -13.99
CA GLY D 159 4.37 -7.17 -15.36
C GLY D 159 5.45 -8.02 -16.03
N LEU D 160 6.02 -8.95 -15.27
CA LEU D 160 6.78 -10.07 -15.81
C LEU D 160 5.94 -10.81 -16.85
N ARG D 161 6.51 -11.01 -18.02
CA ARG D 161 5.83 -11.69 -19.12
C ARG D 161 6.67 -12.85 -19.63
N VAL D 162 6.07 -14.03 -19.71
CA VAL D 162 6.73 -15.21 -20.25
C VAL D 162 5.74 -15.91 -21.16
N GLY D 163 6.22 -16.32 -22.32
CA GLY D 163 5.39 -17.09 -23.25
C GLY D 163 5.91 -18.49 -23.46
N LEU D 164 5.00 -19.38 -23.86
CA LEU D 164 5.36 -20.72 -24.29
C LEU D 164 5.16 -20.80 -25.81
N PHE D 165 6.09 -21.44 -26.50
CA PHE D 165 6.11 -21.44 -27.96
C PHE D 165 6.34 -22.86 -28.45
N THR D 166 5.43 -23.34 -29.30
CA THR D 166 5.53 -24.66 -29.86
C THR D 166 6.42 -24.59 -31.11
N SER D 167 6.61 -23.38 -31.65
CA SER D 167 7.74 -23.06 -32.53
C SER D 167 8.47 -21.78 -32.11
N THR D 168 9.80 -21.82 -31.99
CA THR D 168 10.55 -20.62 -31.60
C THR D 168 11.30 -19.93 -32.74
N ASP D 169 11.11 -20.42 -33.97
CA ASP D 169 11.56 -19.69 -35.17
C ASP D 169 10.74 -18.41 -35.43
N SER D 170 9.61 -18.28 -34.75
CA SER D 170 9.01 -16.96 -34.50
C SER D 170 10.05 -15.92 -34.04
N PHE D 171 10.87 -16.26 -33.05
CA PHE D 171 11.89 -15.31 -32.57
C PHE D 171 13.11 -15.19 -33.52
N LYS E 3 -11.83 31.60 20.99
CA LYS E 3 -11.60 31.01 22.34
C LYS E 3 -12.87 30.29 22.78
N GLN E 4 -14.01 30.92 22.51
CA GLN E 4 -15.29 30.25 22.72
C GLN E 4 -15.44 29.08 21.76
N HIS E 5 -15.77 27.92 22.30
CA HIS E 5 -15.84 26.70 21.51
C HIS E 5 -17.23 26.07 21.42
N ALA E 6 -18.23 26.73 21.97
CA ALA E 6 -19.62 26.31 21.80
C ALA E 6 -20.55 27.51 21.88
N PHE E 7 -21.67 27.46 21.17
CA PHE E 7 -22.59 28.59 21.11
C PHE E 7 -24.01 28.07 21.28
N THR E 8 -24.80 28.76 22.10
CA THR E 8 -26.19 28.39 22.34
C THR E 8 -27.11 29.06 21.31
N ARG E 9 -28.35 28.62 21.28
CA ARG E 9 -29.33 29.27 20.43
C ARG E 9 -29.37 30.77 20.70
N GLU E 10 -29.28 31.16 21.97
CA GLU E 10 -29.34 32.59 22.29
C GLU E 10 -28.18 33.31 21.62
N ASP E 11 -27.00 32.68 21.63
CA ASP E 11 -25.84 33.26 20.97
C ASP E 11 -26.04 33.40 19.45
N LEU E 12 -26.68 32.41 18.82
CA LEU E 12 -26.85 32.43 17.37
C LEU E 12 -27.86 33.49 16.98
N LEU E 13 -28.89 33.68 17.79
CA LEU E 13 -29.87 34.70 17.54
C LEU E 13 -29.23 36.07 17.70
N ARG E 14 -28.32 36.20 18.65
CA ARG E 14 -27.50 37.42 18.74
C ARG E 14 -26.65 37.63 17.50
N CYS E 15 -26.11 36.56 16.94
CA CYS E 15 -25.28 36.71 15.75
C CYS E 15 -26.16 37.19 14.57
N SER E 16 -27.44 36.80 14.54
CA SER E 16 -28.29 37.16 13.41
C SER E 16 -28.67 38.61 13.47
N ARG E 17 -28.73 39.16 14.69
CA ARG E 17 -29.03 40.56 14.88
C ARG E 17 -27.77 41.39 14.83
N GLY E 18 -26.68 40.78 14.39
CA GLY E 18 -25.39 41.48 14.34
C GLY E 18 -24.71 41.79 15.67
N GLU E 19 -25.07 41.09 16.74
CA GLU E 19 -24.62 41.47 18.08
C GLU E 19 -23.79 40.36 18.73
N LEU E 20 -23.35 39.40 17.93
CA LEU E 20 -22.28 38.49 18.37
C LEU E 20 -20.91 38.96 17.87
N PHE E 21 -20.76 39.09 16.56
CA PHE E 21 -19.50 39.53 15.97
C PHE E 21 -19.51 41.04 15.75
N GLY E 22 -20.69 41.64 15.85
CA GLY E 22 -20.78 43.10 15.98
C GLY E 22 -21.05 43.74 14.63
N PRO E 23 -21.29 45.07 14.62
CA PRO E 23 -21.78 45.69 13.37
C PRO E 23 -20.75 45.70 12.23
N GLY E 24 -21.21 45.38 11.02
CA GLY E 24 -20.34 45.24 9.84
C GLY E 24 -19.88 43.81 9.59
N ASN E 25 -20.01 42.97 10.59
CA ASN E 25 -19.40 41.64 10.55
C ASN E 25 -20.44 40.54 10.30
N ALA E 26 -20.00 39.28 10.27
CA ALA E 26 -20.81 38.16 9.77
C ALA E 26 -22.11 38.02 10.57
N GLN E 27 -23.22 37.85 9.85
CA GLN E 27 -24.51 37.51 10.46
C GLN E 27 -24.99 36.14 9.97
N LEU E 28 -25.49 35.32 10.89
CA LEU E 28 -26.40 34.24 10.56
C LEU E 28 -27.74 34.83 10.10
N PRO E 29 -28.47 34.12 9.22
CA PRO E 29 -29.86 34.53 9.05
C PRO E 29 -30.59 34.35 10.38
N ALA E 30 -31.62 35.14 10.54
CA ALA E 30 -32.69 34.93 11.50
C ALA E 30 -33.71 33.87 11.06
N PRO E 31 -34.52 33.37 12.01
CA PRO E 31 -35.74 32.62 11.69
C PRO E 31 -36.55 33.38 10.64
N ASN E 32 -37.05 32.71 9.60
CA ASN E 32 -37.11 31.26 9.54
C ASN E 32 -36.05 30.61 8.63
N MET E 33 -35.05 31.38 8.24
CA MET E 33 -33.96 30.85 7.40
C MET E 33 -32.83 30.26 8.24
N LEU E 34 -32.75 30.61 9.51
CA LEU E 34 -31.74 30.06 10.42
C LEU E 34 -31.97 28.56 10.61
N MET E 35 -30.93 27.76 10.35
CA MET E 35 -31.11 26.30 10.33
C MET E 35 -30.27 25.54 11.36
N ILE E 36 -29.88 26.24 12.40
CA ILE E 36 -29.01 25.74 13.43
C ILE E 36 -29.60 26.14 14.79
N ASP E 37 -29.68 25.21 15.73
CA ASP E 37 -30.10 25.57 17.10
C ASP E 37 -28.90 25.80 18.00
N ARG E 38 -27.83 25.06 17.79
CA ARG E 38 -26.63 25.27 18.58
C ARG E 38 -25.36 24.80 17.86
N ILE E 39 -24.24 25.44 18.17
CA ILE E 39 -22.95 24.93 17.76
C ILE E 39 -22.31 24.25 18.97
N VAL E 40 -22.15 22.93 18.87
CA VAL E 40 -21.77 22.13 20.01
C VAL E 40 -20.25 22.16 20.13
N HIS E 41 -19.57 22.39 19.01
CA HIS E 41 -18.12 22.46 18.97
C HIS E 41 -17.64 23.16 17.72
N ILE E 42 -16.70 24.08 17.89
CA ILE E 42 -16.03 24.76 16.78
C ILE E 42 -14.55 24.91 17.16
N SER E 43 -13.66 24.67 16.21
CA SER E 43 -12.21 24.63 16.50
C SER E 43 -11.45 24.99 15.23
N ASP E 44 -10.29 25.61 15.35
CA ASP E 44 -9.47 25.88 14.17
C ASP E 44 -8.39 24.83 13.95
N VAL E 45 -8.45 23.76 14.74
CA VAL E 45 -7.61 22.58 14.52
C VAL E 45 -8.44 21.29 14.46
N GLY E 46 -7.81 20.20 14.03
CA GLY E 46 -8.51 18.95 13.75
C GLY E 46 -9.37 19.01 12.49
N GLY E 47 -10.38 18.15 12.45
CA GLY E 47 -11.17 17.95 11.24
C GLY E 47 -10.42 17.16 10.18
N LYS E 48 -11.11 16.91 9.09
CA LYS E 48 -10.64 16.03 8.04
C LYS E 48 -9.39 16.56 7.39
N TYR E 49 -9.19 17.88 7.40
CA TYR E 49 -7.97 18.45 6.83
C TYR E 49 -7.03 19.02 7.85
N GLY E 50 -7.34 18.83 9.13
CA GLY E 50 -6.55 19.44 10.21
C GLY E 50 -6.57 20.96 10.19
N LYS E 51 -7.54 21.56 9.53
CA LYS E 51 -7.61 23.02 9.48
C LYS E 51 -8.88 23.55 10.15
N GLY E 52 -9.48 22.76 11.03
CA GLY E 52 -10.67 23.21 11.74
C GLY E 52 -11.93 22.45 11.42
N GLU E 53 -12.89 22.49 12.33
CA GLU E 53 -14.16 21.79 12.17
C GLU E 53 -15.24 22.37 13.05
N LEU E 54 -16.49 22.15 12.65
CA LEU E 54 -17.65 22.51 13.44
C LEU E 54 -18.53 21.27 13.60
N VAL E 55 -19.14 21.13 14.77
CA VAL E 55 -20.29 20.26 14.94
C VAL E 55 -21.44 21.12 15.44
N ALA E 56 -22.58 20.99 14.78
CA ALA E 56 -23.74 21.82 15.10
C ALA E 56 -25.05 21.01 14.93
N GLU E 57 -26.12 21.47 15.58
CA GLU E 57 -27.31 20.65 15.70
C GLU E 57 -28.56 21.49 15.45
N LEU E 58 -29.55 20.88 14.83
CA LEU E 58 -30.91 21.44 14.72
C LEU E 58 -31.92 20.43 15.26
N ASP E 59 -32.68 20.81 16.25
CA ASP E 59 -33.73 19.94 16.78
C ASP E 59 -34.89 19.90 15.79
N ILE E 60 -35.46 18.71 15.60
CA ILE E 60 -36.59 18.54 14.67
C ILE E 60 -37.86 18.32 15.47
N ASN E 61 -38.90 19.09 15.15
CA ASN E 61 -40.24 18.84 15.64
C ASN E 61 -41.19 18.88 14.47
N PRO E 62 -42.34 18.20 14.58
CA PRO E 62 -43.34 18.10 13.52
C PRO E 62 -43.90 19.48 13.17
N ASP E 63 -43.53 20.40 14.05
CA ASP E 63 -43.99 21.77 14.08
C ASP E 63 -43.26 22.66 13.07
N LEU E 64 -42.02 22.32 12.74
CA LEU E 64 -41.20 23.25 11.97
C LEU E 64 -41.90 23.70 10.70
N TRP E 65 -41.80 24.97 10.39
CA TRP E 65 -42.66 25.57 9.36
C TRP E 65 -42.57 24.85 8.01
N PHE E 66 -41.39 24.35 7.65
CA PHE E 66 -41.17 23.86 6.28
C PHE E 66 -41.86 22.52 6.01
N PHE E 67 -42.26 21.82 7.05
CA PHE E 67 -42.93 20.53 6.90
C PHE E 67 -44.34 20.68 6.32
N ALA E 68 -45.04 21.76 6.68
CA ALA E 68 -46.40 21.96 6.22
C ALA E 68 -46.47 22.22 4.69
N CYS E 69 -45.47 22.92 4.13
CA CYS E 69 -45.53 23.32 2.73
C CYS E 69 -44.62 22.48 1.80
N ASN E 70 -43.77 21.65 2.39
CA ASN E 70 -42.82 20.83 1.65
C ASN E 70 -42.87 19.39 2.13
N PHE E 71 -43.70 18.54 1.52
CA PHE E 71 -44.78 18.93 0.62
C PHE E 71 -46.08 18.73 1.36
N GLU E 72 -47.17 19.30 0.87
CA GLU E 72 -48.47 18.98 1.45
C GLU E 72 -48.71 17.46 1.33
N GLY E 73 -49.08 16.82 2.44
CA GLY E 73 -49.34 15.38 2.46
C GLY E 73 -48.09 14.50 2.43
N ASP E 74 -46.92 15.13 2.30
CA ASP E 74 -45.66 14.39 2.19
C ASP E 74 -44.53 15.19 2.84
N PRO E 75 -44.52 15.30 4.18
CA PRO E 75 -43.59 16.24 4.81
C PRO E 75 -42.16 15.73 4.84
N VAL E 76 -41.22 16.59 4.49
CA VAL E 76 -39.81 16.24 4.44
C VAL E 76 -38.99 17.52 4.46
N MET E 77 -37.89 17.56 5.20
CA MET E 77 -37.14 18.80 5.29
C MET E 77 -36.55 19.13 3.92
N PRO E 78 -36.69 20.39 3.48
CA PRO E 78 -36.03 20.72 2.21
C PRO E 78 -34.55 20.46 2.29
N GLY E 79 -34.03 19.73 1.30
CA GLY E 79 -32.59 19.55 1.17
C GLY E 79 -31.82 20.86 1.07
N CYS E 80 -32.35 21.81 0.32
CA CYS E 80 -31.72 23.13 0.18
C CYS E 80 -31.48 23.84 1.54
N LEU E 81 -32.32 23.58 2.54
CA LEU E 81 -32.15 24.19 3.86
C LEU E 81 -31.07 23.52 4.69
N GLY E 82 -30.94 22.21 4.56
CA GLY E 82 -29.80 21.50 5.13
C GLY E 82 -28.49 21.94 4.54
N LEU E 83 -28.50 22.12 3.23
CA LEU E 83 -27.36 22.65 2.52
C LEU E 83 -27.07 24.06 3.01
N ASP E 84 -28.12 24.90 3.16
CA ASP E 84 -27.92 26.26 3.68
C ASP E 84 -27.32 26.28 5.08
N ALA E 85 -27.68 25.30 5.91
CA ALA E 85 -27.12 25.22 7.26
C ALA E 85 -25.60 25.09 7.16
N MET E 86 -25.13 24.34 6.17
CA MET E 86 -23.69 24.18 5.98
C MET E 86 -22.98 25.46 5.51
N TRP E 87 -23.60 26.19 4.59
CA TRP E 87 -23.14 27.52 4.27
C TRP E 87 -23.17 28.45 5.50
N GLN E 88 -24.26 28.45 6.26
CA GLN E 88 -24.40 29.30 7.46
C GLN E 88 -23.26 29.01 8.46
N LEU E 89 -22.90 27.74 8.62
CA LEU E 89 -21.85 27.38 9.55
C LEU E 89 -20.49 27.80 9.02
N VAL E 90 -20.25 27.74 7.71
CA VAL E 90 -18.97 28.14 7.13
C VAL E 90 -18.74 29.66 7.19
N GLY E 91 -19.82 30.41 7.00
CA GLY E 91 -19.79 31.85 7.21
C GLY E 91 -19.52 32.21 8.66
N PHE E 92 -20.19 31.51 9.57
CA PHE E 92 -19.97 31.69 11.00
C PHE E 92 -18.51 31.45 11.36
N TYR E 93 -17.93 30.40 10.80
CA TYR E 93 -16.52 30.10 11.07
C TYR E 93 -15.60 31.29 10.72
N LEU E 94 -15.82 31.89 9.56
CA LEU E 94 -15.00 33.02 9.12
C LEU E 94 -15.16 34.21 10.07
N GLY E 95 -16.40 34.48 10.47
CA GLY E 95 -16.68 35.51 11.47
C GLY E 95 -15.99 35.24 12.79
N TRP E 96 -16.06 33.98 13.22
CA TRP E 96 -15.47 33.53 14.47
C TRP E 96 -13.94 33.63 14.46
N GLN E 97 -13.33 33.56 13.28
CA GLN E 97 -11.86 33.67 13.19
C GLN E 97 -11.41 35.11 13.43
N GLY E 98 -12.30 36.07 13.23
CA GLY E 98 -11.93 37.48 13.40
C GLY E 98 -12.06 38.32 12.14
N ASN E 99 -12.43 37.69 11.01
CA ASN E 99 -12.43 38.42 9.74
C ASN E 99 -13.58 39.42 9.65
N PRO E 100 -13.32 40.56 8.98
CA PRO E 100 -14.34 41.57 8.70
C PRO E 100 -15.28 41.16 7.58
N GLY E 101 -16.54 41.58 7.66
CA GLY E 101 -17.41 41.60 6.49
C GLY E 101 -18.68 40.77 6.59
N ARG E 102 -19.57 40.92 5.62
CA ARG E 102 -20.83 40.20 5.64
C ARG E 102 -20.77 38.95 4.73
N GLY E 103 -21.51 37.91 5.09
CA GLY E 103 -21.41 36.63 4.43
C GLY E 103 -22.18 36.60 3.14
N ARG E 104 -21.60 35.95 2.15
CA ARG E 104 -22.30 35.48 0.97
C ARG E 104 -21.76 34.11 0.62
N ALA E 105 -22.64 33.11 0.57
CA ALA E 105 -22.33 31.84 -0.06
C ALA E 105 -21.94 32.04 -1.52
N LEU E 106 -20.87 31.34 -1.95
CA LEU E 106 -20.43 31.38 -3.34
C LEU E 106 -20.67 30.09 -4.12
N GLY E 107 -20.98 29.01 -3.41
CA GLY E 107 -21.47 27.79 -4.04
C GLY E 107 -20.86 26.58 -3.38
N SER E 108 -20.82 25.46 -4.12
CA SER E 108 -20.18 24.22 -3.71
C SER E 108 -19.81 23.38 -4.92
N GLY E 109 -18.96 22.39 -4.72
CA GLY E 109 -18.89 21.21 -5.61
C GLY E 109 -20.01 20.22 -5.32
N GLU E 110 -19.75 18.95 -5.53
CA GLU E 110 -20.80 17.94 -5.43
C GLU E 110 -21.67 18.07 -4.15
N VAL E 111 -22.98 18.11 -4.33
CA VAL E 111 -23.94 17.96 -3.23
C VAL E 111 -24.70 16.66 -3.46
N LYS E 112 -24.89 15.86 -2.41
CA LYS E 112 -25.60 14.58 -2.52
C LYS E 112 -26.63 14.51 -1.40
N PHE E 113 -27.90 14.28 -1.73
CA PHE E 113 -28.93 14.01 -0.73
C PHE E 113 -29.33 12.55 -0.85
N PHE E 114 -28.96 11.71 0.11
CA PHE E 114 -29.22 10.28 -0.02
C PHE E 114 -30.01 9.74 1.16
N GLY E 115 -30.55 10.65 1.99
CA GLY E 115 -31.56 10.31 2.94
C GLY E 115 -32.45 11.51 3.20
N GLN E 116 -33.40 11.38 4.10
CA GLN E 116 -34.33 12.47 4.38
C GLN E 116 -34.52 12.73 5.87
N VAL E 117 -35.00 13.93 6.19
CA VAL E 117 -35.46 14.28 7.51
C VAL E 117 -36.98 14.38 7.53
N LEU E 118 -37.61 13.48 8.29
CA LEU E 118 -39.06 13.41 8.45
C LEU E 118 -39.44 14.14 9.73
N PRO E 119 -40.72 14.46 9.87
CA PRO E 119 -41.13 15.25 11.03
C PRO E 119 -41.01 14.42 12.31
N THR E 120 -40.86 13.11 12.16
CA THR E 120 -40.71 12.20 13.28
C THR E 120 -39.28 12.17 13.83
N ALA E 121 -38.33 12.79 13.13
CA ALA E 121 -36.93 12.79 13.54
C ALA E 121 -36.72 13.68 14.78
N LYS E 122 -35.69 13.40 15.54
CA LYS E 122 -35.44 14.16 16.78
C LYS E 122 -34.39 15.25 16.56
N LYS E 123 -33.31 14.93 15.85
CA LYS E 123 -32.17 15.84 15.82
C LYS E 123 -31.31 15.68 14.58
N VAL E 124 -31.09 16.79 13.88
CA VAL E 124 -30.12 16.83 12.80
C VAL E 124 -28.74 17.27 13.32
N THR E 125 -27.68 16.61 12.86
CA THR E 125 -26.32 17.04 13.17
C THR E 125 -25.53 17.39 11.93
N TYR E 126 -24.88 18.56 11.96
CA TYR E 126 -23.99 18.99 10.89
C TYR E 126 -22.55 18.80 11.33
N ASN E 127 -21.73 18.25 10.44
CA ASN E 127 -20.29 18.26 10.59
C ASN E 127 -19.69 19.03 9.44
N ILE E 128 -18.82 19.97 9.78
CA ILE E 128 -18.15 20.78 8.78
C ILE E 128 -16.65 20.60 8.98
N HIS E 129 -15.95 20.27 7.91
CA HIS E 129 -14.48 20.23 7.92
C HIS E 129 -13.87 21.34 7.07
N ILE E 130 -13.16 22.27 7.71
CA ILE E 130 -12.54 23.40 7.01
C ILE E 130 -11.39 22.87 6.19
N LYS E 131 -11.38 23.22 4.92
CA LYS E 131 -10.36 22.73 4.02
C LYS E 131 -9.28 23.78 3.80
N ARG E 132 -9.69 25.05 3.85
CA ARG E 132 -8.82 26.12 3.40
C ARG E 132 -9.51 27.46 3.61
N THR E 133 -8.82 28.38 4.27
CA THR E 133 -9.27 29.76 4.28
C THR E 133 -8.25 30.66 3.61
N ILE E 134 -8.74 31.75 3.02
CA ILE E 134 -7.89 32.86 2.61
C ILE E 134 -8.31 34.11 3.39
N ASN E 135 -7.33 34.92 3.79
CA ASN E 135 -7.52 36.06 4.71
C ASN E 135 -6.57 37.18 4.31
N LEU E 138 -9.07 39.09 -0.54
CA LEU E 138 -10.41 38.48 -0.43
C LEU E 138 -10.48 37.43 0.69
N VAL E 139 -11.62 37.39 1.37
CA VAL E 139 -11.83 36.49 2.51
C VAL E 139 -12.80 35.37 2.16
N LEU E 140 -12.34 34.13 2.29
CA LEU E 140 -12.98 33.00 1.67
C LEU E 140 -12.67 31.73 2.46
N ALA E 141 -13.70 30.91 2.70
CA ALA E 141 -13.49 29.58 3.24
C ALA E 141 -14.03 28.57 2.27
N ILE E 142 -13.32 27.43 2.17
CA ILE E 142 -13.75 26.25 1.46
C ILE E 142 -13.81 25.11 2.47
N ALA E 143 -14.89 24.35 2.48
CA ALA E 143 -15.14 23.32 3.49
C ALA E 143 -15.87 22.13 2.87
N ASP E 144 -15.72 20.93 3.45
CA ASP E 144 -16.65 19.82 3.23
C ASP E 144 -17.64 19.68 4.38
N GLY E 145 -18.83 19.12 4.12
CA GLY E 145 -19.86 19.03 5.14
C GLY E 145 -20.70 17.79 5.01
N THR E 146 -21.27 17.34 6.13
CA THR E 146 -22.19 16.21 6.14
C THR E 146 -23.34 16.54 7.04
N VAL E 147 -24.51 16.09 6.64
CA VAL E 147 -25.70 16.15 7.48
C VAL E 147 -26.10 14.73 7.90
N SER E 148 -26.42 14.58 9.17
CA SER E 148 -26.89 13.32 9.73
C SER E 148 -28.17 13.55 10.50
N VAL E 149 -29.03 12.54 10.54
CA VAL E 149 -30.26 12.59 11.32
C VAL E 149 -30.37 11.37 12.24
N ASP E 150 -30.41 11.66 13.53
CA ASP E 150 -30.49 10.64 14.56
C ASP E 150 -29.43 9.54 14.40
N GLY E 151 -28.19 9.94 14.09
CA GLY E 151 -27.08 8.98 13.93
C GLY E 151 -26.77 8.59 12.49
N ARG E 152 -27.68 8.90 11.56
CA ARG E 152 -27.63 8.33 10.19
C ARG E 152 -27.19 9.36 9.14
N GLU E 153 -26.07 9.11 8.46
CA GLU E 153 -25.64 10.07 7.43
C GLU E 153 -26.68 10.14 6.32
N ILE E 154 -27.04 11.36 5.92
CA ILE E 154 -28.04 11.55 4.87
C ILE E 154 -27.62 12.53 3.75
N TYR E 155 -26.88 13.60 4.03
CA TYR E 155 -26.39 14.47 2.94
C TYR E 155 -24.89 14.65 3.03
N SER E 156 -24.29 15.00 1.91
CA SER E 156 -22.92 15.46 1.88
C SER E 156 -22.73 16.59 0.88
N ALA E 157 -21.72 17.42 1.13
CA ALA E 157 -21.41 18.56 0.28
C ALA E 157 -19.91 18.70 0.26
N GLU E 158 -19.32 18.76 -0.93
CA GLU E 158 -17.87 18.96 -1.04
C GLU E 158 -17.55 20.31 -1.66
N GLY E 159 -16.55 21.00 -1.12
CA GLY E 159 -16.19 22.33 -1.58
C GLY E 159 -17.25 23.41 -1.42
N LEU E 160 -17.97 23.43 -0.29
CA LEU E 160 -18.71 24.61 0.12
C LEU E 160 -17.77 25.80 0.12
N ARG E 161 -18.24 26.90 -0.47
CA ARG E 161 -17.49 28.13 -0.51
C ARG E 161 -18.36 29.25 0.04
N VAL E 162 -17.81 29.98 0.99
CA VAL E 162 -18.44 31.19 1.50
C VAL E 162 -17.44 32.32 1.63
N GLY E 163 -17.80 33.52 1.17
CA GLY E 163 -16.91 34.67 1.28
C GLY E 163 -17.43 35.64 2.32
N LEU E 164 -16.55 36.52 2.80
CA LEU E 164 -16.98 37.69 3.55
C LEU E 164 -16.61 38.96 2.78
N PHE E 165 -17.49 39.95 2.83
CA PHE E 165 -17.42 41.13 1.96
C PHE E 165 -17.74 42.42 2.75
N THR E 166 -16.81 43.37 2.72
CA THR E 166 -17.01 44.63 3.41
C THR E 166 -17.78 45.55 2.46
N SER E 167 -17.87 45.12 1.20
CA SER E 167 -18.72 45.75 0.22
C SER E 167 -19.43 44.68 -0.63
N THR E 168 -20.74 44.78 -0.76
CA THR E 168 -21.48 43.79 -1.56
C THR E 168 -22.23 44.38 -2.75
N ASP E 169 -21.89 45.62 -3.14
CA ASP E 169 -22.30 46.16 -4.44
C ASP E 169 -21.54 45.48 -5.60
N SER E 170 -20.48 44.72 -5.29
CA SER E 170 -19.76 43.90 -6.26
C SER E 170 -20.57 42.73 -6.84
N PHE E 171 -21.41 42.10 -6.01
CA PHE E 171 -22.45 41.17 -6.50
C PHE E 171 -23.63 41.87 -7.21
CAA KBP F . -2.87 4.67 17.04
CAB KBP F . -2.31 3.27 16.97
CAC KBP F . -1.59 3.16 15.63
CAD KBP F . -0.26 2.47 15.85
CAE KBP F . 0.71 3.46 16.51
CAF KBP F . 1.07 4.59 15.53
CAG KBP F . 2.52 5.00 15.76
CAH KBP F . 2.92 4.95 17.25
CAI KBP F . 3.82 3.76 17.59
CAJ KBP F . 5.17 4.25 18.14
OAM KBP F . -2.22 5.62 16.59
OAN KBP F . -2.40 2.46 14.69
SAO KBP F . -4.57 4.83 17.39
CAP KBP F . -4.89 6.54 16.83
CAQ KBP F . -5.45 6.62 15.41
NAR KBP F . -5.47 8.03 15.03
CAS KBP F . -6.36 8.90 15.55
CAT KBP F . -6.18 10.39 15.12
OAY KBP F . -7.20 8.54 16.39
CAA KBP G . -10.99 -10.78 9.13
CAB KBP G . -11.98 -10.18 10.11
CAC KBP G . -12.56 -8.90 9.47
CAD KBP G . -13.78 -8.47 10.26
CAE KBP G . -14.96 -9.38 9.96
CAF KBP G . -14.92 -9.77 8.49
CAG KBP G . -16.29 -10.16 7.97
CAH KBP G . -16.99 -11.20 8.84
CAI KBP G . -18.14 -10.54 9.60
CAJ KBP G . -19.49 -11.21 9.37
OAM KBP G . -11.28 -10.86 7.94
OAN KBP G . -11.57 -7.86 9.51
SAO KBP G . -9.37 -11.12 9.66
CAP KBP G . -8.69 -11.85 8.12
CAQ KBP G . -8.04 -10.81 7.23
NAR KBP G . -8.05 -11.27 5.83
CAS KBP G . -7.26 -12.27 5.45
CAT KBP G . -7.35 -12.65 3.95
OAY KBP G . -6.54 -12.87 6.24
CAA KBP H . 25.04 -5.30 -10.47
CAB KBP H . 25.64 -5.61 -11.80
CAC KBP H . 24.94 -4.72 -12.82
CAD KBP H . 25.92 -4.37 -13.91
CAE KBP H . 27.13 -3.64 -13.31
CAF KBP H . 26.96 -2.12 -13.25
CAG KBP H . 28.30 -1.45 -12.85
CAH KBP H . 29.40 -1.73 -13.89
CAI KBP H . 30.43 -0.58 -13.90
CAJ KBP H . 31.70 -0.89 -14.70
OAM KBP H . 24.64 -4.15 -10.23
OAN KBP H . 23.82 -5.42 -13.36
SAO KBP H . 24.60 -6.66 -9.51
CAP KBP H . 23.71 -5.90 -8.10
CAQ KBP H . 22.27 -5.50 -8.42
NAR KBP H . 21.81 -4.42 -7.52
CAS KBP H . 21.67 -4.55 -6.20
CAT KBP H . 21.08 -3.30 -5.48
OAY KBP H . 22.03 -5.55 -5.57
CAA KBP I . 14.55 -17.31 -21.26
CAB KBP I . 14.76 -17.88 -19.88
CAC KBP I . 13.93 -17.11 -18.85
CAD KBP I . 13.61 -18.07 -17.71
CAE KBP I . 12.88 -19.28 -18.27
CAF KBP I . 11.51 -18.84 -18.79
CAG KBP I . 10.59 -20.03 -19.00
CAH KBP I . 11.28 -21.39 -18.75
CAI KBP I . 11.10 -21.91 -17.31
CAJ KBP I . 10.37 -23.27 -17.28
OAM KBP I . 13.42 -17.05 -21.69
OAN KBP I . 14.67 -15.99 -18.37
SAO KBP I . 16.00 -16.90 -22.12
CAP KBP I . 15.32 -16.15 -23.65
CAQ KBP I . 14.70 -14.75 -23.52
NAR KBP I . 13.71 -14.50 -24.60
CAS KBP I . 14.01 -14.42 -25.92
CAT KBP I . 12.81 -14.16 -26.86
OAY KBP I . 15.15 -14.48 -26.39
CAA KBP J . -37.19 18.26 -2.19
CAB KBP J . -37.74 19.47 -2.92
CAC KBP J . -36.76 19.90 -4.01
CAD KBP J . -37.51 20.80 -4.98
CAE KBP J . -38.94 20.28 -5.17
CAF KBP J . -39.00 19.00 -6.00
CAG KBP J . -40.48 18.61 -6.19
CAH KBP J . -40.82 18.13 -7.60
CAI KBP J . -41.50 19.23 -8.42
CAJ KBP J . -42.85 18.77 -8.99
OAM KBP J . -36.88 17.22 -2.79
OAN KBP J . -35.68 20.60 -3.41
SAO KBP J . -36.98 18.43 -0.48
CAP KBP J . -36.10 16.85 -0.11
CAQ KBP J . -34.60 16.78 -0.53
NAR KBP J . -34.22 15.36 -0.82
CAS KBP J . -34.14 14.39 0.12
CAT KBP J . -33.71 12.99 -0.38
OAY KBP J . -34.37 14.56 1.34
#